data_6OFT
#
_entry.id   6OFT
#
_cell.length_a   71.070
_cell.length_b   84.440
_cell.length_c   92.070
_cell.angle_alpha   90.00
_cell.angle_beta   102.24
_cell.angle_gamma   90.00
#
_symmetry.space_group_name_H-M   'P 1 21 1'
#
loop_
_entity.id
_entity.type
_entity.pdbx_description
1 polymer 'Probable zinc protease PqqL'
2 non-polymer GLYCEROL
3 non-polymer 'PHOSPHATE ION'
4 non-polymer 'CHLORIDE ION'
5 water water
#
_entity_poly.entity_id   1
_entity_poly.type   'polypeptide(L)'
_entity_poly.pdbx_seq_one_letter_code
;AALPQDEKLITGQLDNGLRYMIYPHAHPKDQVNLWLQIHTGSLQEEDNELGVAHFVEHMMFNGTKTWPGNKVIETFESMG
LRFGRDVNAYTSYDETVYQVSLPTTQKQNLQQVMAIFSEWSNAATFEKLEVDAERGVITEEWRAHQDAKWRTSQARRPFL
LANTRNLDREPIGLMDTVATVTPAQLRQFYQRWYQPNNMTFIVVGDIDSKEALALIKDNLSKLPANKAAENRVWPTKAEN
HLRFNIINDKENRVNGIALYYRLPMVQVNDEQSFIEQAEWSMLVQLFNQRLQERIQSGELKTISGGTARSVKIAPDYQSL
FFRVNARDDNMQDAANALMAELATIDQHGFSAEELDDVKSTRLTWLKNAVDQQAERDLRMLTSRLASSSLNNTPFLSPEE
TYQLSKRLWQQITVQSLAEKWQQLRKNQDAFWEQMVNNEVAAKKALSPAAILALEKEYANKKLAAYVFPGR
;
_entity_poly.pdbx_strand_id   A,B
#
# COMPACT_ATOMS: atom_id res chain seq x y z
N ALA A 1 44.25 -7.61 -3.66
CA ALA A 1 44.44 -6.83 -4.91
C ALA A 1 43.17 -6.01 -5.24
N ALA A 2 43.27 -4.66 -5.09
CA ALA A 2 42.19 -3.66 -5.29
C ALA A 2 41.59 -3.62 -6.69
N LEU A 3 40.26 -3.57 -6.77
CA LEU A 3 39.52 -3.55 -8.03
C LEU A 3 39.50 -2.15 -8.66
N PRO A 4 39.71 -2.03 -10.00
CA PRO A 4 39.66 -0.69 -10.62
C PRO A 4 38.23 -0.19 -10.82
N GLN A 5 38.05 1.14 -10.77
CA GLN A 5 36.75 1.73 -11.02
C GLN A 5 36.65 1.99 -12.52
N ASP A 6 35.41 2.08 -13.04
CA ASP A 6 35.10 2.36 -14.44
C ASP A 6 35.95 3.51 -14.94
N GLU A 7 36.68 3.22 -16.00
CA GLU A 7 37.56 4.06 -16.77
C GLU A 7 36.98 5.46 -17.07
N LYS A 8 35.66 5.52 -17.39
CA LYS A 8 34.90 6.75 -17.71
C LYS A 8 34.47 7.55 -16.45
N LEU A 9 34.58 6.96 -15.25
CA LEU A 9 34.19 7.65 -14.02
C LEU A 9 35.24 8.69 -13.60
N ILE A 10 34.77 9.88 -13.26
CA ILE A 10 35.65 10.96 -12.82
C ILE A 10 35.38 11.18 -11.33
N THR A 11 36.40 10.97 -10.49
CA THR A 11 36.27 11.15 -9.03
C THR A 11 37.33 12.10 -8.53
N GLY A 12 37.03 12.75 -7.42
CA GLY A 12 37.95 13.70 -6.82
C GLY A 12 37.35 14.45 -5.67
N GLN A 13 38.11 15.39 -5.14
CA GLN A 13 37.71 16.18 -4.00
C GLN A 13 38.08 17.64 -4.24
N LEU A 14 37.21 18.56 -3.78
CA LEU A 14 37.48 19.99 -3.83
C LEU A 14 38.37 20.28 -2.60
N ASP A 15 39.10 21.44 -2.56
CA ASP A 15 39.96 21.75 -1.40
C ASP A 15 39.21 21.83 -0.07
N ASN A 16 37.90 22.14 -0.11
CA ASN A 16 37.07 22.19 1.09
C ASN A 16 36.68 20.77 1.61
N GLY A 17 37.05 19.73 0.87
CA GLY A 17 36.77 18.34 1.28
C GLY A 17 35.58 17.68 0.63
N LEU A 18 34.77 18.44 -0.15
CA LEU A 18 33.60 17.88 -0.84
C LEU A 18 34.08 16.93 -1.94
N ARG A 19 33.50 15.72 -1.99
CA ARG A 19 33.86 14.73 -3.01
C ARG A 19 32.90 14.85 -4.16
N TYR A 20 33.34 14.45 -5.36
CA TYR A 20 32.46 14.45 -6.53
C TYR A 20 32.68 13.22 -7.37
N MET A 21 31.65 12.81 -8.10
CA MET A 21 31.66 11.64 -8.99
C MET A 21 30.90 12.04 -10.22
N ILE A 22 31.55 11.98 -11.37
CA ILE A 22 30.96 12.35 -12.66
C ILE A 22 31.02 11.15 -13.61
N TYR A 23 29.86 10.83 -14.22
CA TYR A 23 29.78 9.72 -15.15
C TYR A 23 28.99 10.14 -16.37
N PRO A 24 29.58 10.04 -17.59
CA PRO A 24 28.83 10.42 -18.80
C PRO A 24 27.81 9.37 -19.19
N HIS A 25 26.63 9.81 -19.67
CA HIS A 25 25.57 8.91 -20.14
C HIS A 25 24.65 9.68 -21.07
N ALA A 26 24.23 9.08 -22.18
CA ALA A 26 23.38 9.80 -23.15
C ALA A 26 22.11 9.01 -23.49
N HIS A 27 21.49 8.42 -22.47
CA HIS A 27 20.24 7.67 -22.59
C HIS A 27 19.41 7.95 -21.31
N PRO A 28 18.47 8.95 -21.35
CA PRO A 28 18.09 9.80 -22.49
C PRO A 28 19.10 10.89 -22.80
N LYS A 29 19.14 11.31 -24.07
CA LYS A 29 20.03 12.36 -24.54
C LYS A 29 19.66 13.67 -23.87
N ASP A 30 20.68 14.52 -23.60
CA ASP A 30 20.54 15.86 -23.01
C ASP A 30 19.86 15.87 -21.65
N GLN A 31 19.99 14.76 -20.91
CA GLN A 31 19.46 14.63 -19.56
C GLN A 31 20.63 14.41 -18.60
N VAL A 32 20.51 14.98 -17.39
CA VAL A 32 21.50 14.83 -16.32
C VAL A 32 20.80 14.69 -14.97
N ASN A 33 21.39 13.86 -14.09
CA ASN A 33 20.99 13.69 -12.72
C ASN A 33 22.05 14.37 -11.89
N LEU A 34 21.59 15.21 -10.97
CA LEU A 34 22.44 15.94 -10.03
C LEU A 34 21.96 15.53 -8.65
N TRP A 35 22.78 14.76 -7.93
CA TRP A 35 22.43 14.27 -6.61
C TRP A 35 23.44 14.73 -5.58
N LEU A 36 22.95 15.27 -4.45
CA LEU A 36 23.79 15.65 -3.33
C LEU A 36 23.59 14.57 -2.27
N GLN A 37 24.67 13.87 -1.95
CA GLN A 37 24.66 12.76 -1.00
C GLN A 37 25.34 13.11 0.31
N ILE A 38 24.56 13.12 1.40
CA ILE A 38 25.06 13.35 2.76
C ILE A 38 25.31 11.97 3.30
N HIS A 39 26.53 11.69 3.75
CA HIS A 39 26.90 10.35 4.25
C HIS A 39 26.43 10.07 5.68
N THR A 40 25.26 10.65 6.04
CA THR A 40 24.64 10.52 7.36
C THR A 40 23.13 10.41 7.18
N GLY A 41 22.56 9.42 7.85
CA GLY A 41 21.13 9.15 7.94
C GLY A 41 20.69 9.08 9.39
N SER A 42 19.65 8.28 9.67
CA SER A 42 19.09 8.12 11.01
C SER A 42 20.00 7.41 12.00
N LEU A 43 20.96 6.55 11.53
CA LEU A 43 21.83 5.80 12.47
C LEU A 43 22.55 6.72 13.46
N GLN A 44 23.01 7.89 12.99
CA GLN A 44 23.80 8.84 13.77
C GLN A 44 23.03 9.69 14.76
N GLU A 45 21.68 9.63 14.74
CA GLU A 45 20.83 10.40 15.65
C GLU A 45 21.04 10.00 17.11
N GLU A 46 21.06 11.00 18.00
CA GLU A 46 21.15 10.77 19.45
C GLU A 46 19.76 10.32 19.92
N ASP A 47 19.64 9.77 21.15
CA ASP A 47 18.38 9.30 21.73
C ASP A 47 17.24 10.35 21.74
N ASN A 48 17.60 11.63 21.77
CA ASN A 48 16.64 12.74 21.76
C ASN A 48 16.47 13.35 20.35
N GLU A 49 16.96 12.64 19.30
CA GLU A 49 16.91 13.11 17.90
C GLU A 49 16.22 12.15 16.96
N LEU A 50 15.36 11.25 17.46
CA LEU A 50 14.71 10.22 16.63
C LEU A 50 13.76 10.79 15.54
N GLY A 51 14.25 10.75 14.29
CA GLY A 51 13.54 11.25 13.11
C GLY A 51 14.00 12.62 12.66
N VAL A 52 15.08 13.13 13.28
CA VAL A 52 15.65 14.45 13.00
C VAL A 52 16.38 14.46 11.64
N ALA A 53 17.08 13.36 11.26
CA ALA A 53 17.73 13.32 9.94
C ALA A 53 16.68 13.52 8.82
N HIS A 54 15.51 12.86 8.98
CA HIS A 54 14.39 12.90 8.02
C HIS A 54 13.69 14.27 8.07
N PHE A 55 13.55 14.86 9.28
CA PHE A 55 12.96 16.19 9.47
C PHE A 55 13.85 17.25 8.78
N VAL A 56 15.20 17.16 8.97
CA VAL A 56 16.18 18.07 8.33
C VAL A 56 16.01 18.05 6.79
N GLU A 57 15.86 16.84 6.20
CA GLU A 57 15.66 16.60 4.77
C GLU A 57 14.46 17.39 4.21
N HIS A 58 13.32 17.31 4.90
CA HIS A 58 12.10 18.06 4.57
C HIS A 58 12.34 19.58 4.66
N MET A 59 13.13 20.02 5.64
CA MET A 59 13.41 21.45 5.85
C MET A 59 14.24 22.09 4.73
N MET A 60 14.85 21.28 3.83
CA MET A 60 15.64 21.84 2.72
C MET A 60 14.75 22.52 1.68
N PHE A 61 13.50 22.09 1.62
CA PHE A 61 12.51 22.61 0.68
C PHE A 61 11.63 23.69 1.31
N ASN A 62 11.99 24.17 2.53
CA ASN A 62 11.15 25.16 3.20
C ASN A 62 11.89 26.42 3.67
N GLY A 63 13.03 26.72 3.08
CA GLY A 63 13.76 27.94 3.39
C GLY A 63 15.26 27.88 3.43
N THR A 64 15.89 28.75 2.65
CA THR A 64 17.35 28.94 2.62
C THR A 64 17.55 30.45 2.71
N LYS A 65 18.80 30.90 2.85
CA LYS A 65 19.19 32.31 2.95
C LYS A 65 18.65 33.13 1.76
N THR A 66 18.87 32.69 0.52
CA THR A 66 18.42 33.40 -0.69
C THR A 66 16.94 33.09 -1.03
N TRP A 67 16.49 31.86 -0.70
CA TRP A 67 15.14 31.41 -1.01
C TRP A 67 14.31 31.04 0.25
N PRO A 68 13.81 32.05 1.03
CA PRO A 68 13.01 31.70 2.22
C PRO A 68 11.63 31.13 1.85
N GLY A 69 10.96 30.53 2.83
CA GLY A 69 9.63 29.94 2.66
C GLY A 69 9.53 28.97 1.50
N ASN A 70 8.58 29.22 0.59
CA ASN A 70 8.32 28.40 -0.59
C ASN A 70 9.15 28.79 -1.85
N LYS A 71 10.13 29.71 -1.71
CA LYS A 71 10.90 30.19 -2.87
C LYS A 71 11.77 29.12 -3.56
N VAL A 72 12.27 28.08 -2.85
CA VAL A 72 13.06 27.00 -3.48
C VAL A 72 12.16 26.24 -4.47
N ILE A 73 10.94 25.90 -4.03
CA ILE A 73 9.95 25.18 -4.84
C ILE A 73 9.46 26.03 -6.01
N GLU A 74 9.23 27.33 -5.77
CA GLU A 74 8.81 28.29 -6.79
C GLU A 74 9.91 28.47 -7.84
N THR A 75 11.19 28.41 -7.42
CA THR A 75 12.32 28.53 -8.36
C THR A 75 12.36 27.28 -9.24
N PHE A 76 12.23 26.08 -8.65
CA PHE A 76 12.23 24.83 -9.44
C PHE A 76 11.05 24.84 -10.41
N GLU A 77 9.85 25.21 -9.94
CA GLU A 77 8.62 25.30 -10.76
C GLU A 77 8.78 26.25 -11.98
N SER A 78 9.52 27.37 -11.83
CA SER A 78 9.80 28.34 -12.91
C SER A 78 10.72 27.77 -14.02
N MET A 79 11.36 26.63 -13.73
CA MET A 79 12.24 25.92 -14.67
C MET A 79 11.57 24.61 -15.11
N GLY A 80 10.28 24.46 -14.76
CA GLY A 80 9.46 23.31 -15.11
C GLY A 80 9.82 22.05 -14.36
N LEU A 81 10.40 22.19 -13.17
CA LEU A 81 10.84 21.08 -12.33
C LEU A 81 9.92 20.94 -11.13
N ARG A 82 9.30 19.76 -11.00
CA ARG A 82 8.26 19.50 -10.01
C ARG A 82 8.70 18.54 -8.93
N PHE A 83 8.39 18.89 -7.67
CA PHE A 83 8.67 18.05 -6.51
C PHE A 83 7.86 16.76 -6.65
N GLY A 84 8.53 15.63 -6.42
CA GLY A 84 7.92 14.31 -6.56
C GLY A 84 8.05 13.73 -7.95
N ARG A 85 8.50 14.55 -8.94
CA ARG A 85 8.70 14.16 -10.32
C ARG A 85 10.16 14.36 -10.77
N ASP A 86 10.66 15.61 -10.79
CA ASP A 86 12.02 15.96 -11.22
C ASP A 86 12.92 16.23 -10.02
N VAL A 87 12.31 16.64 -8.89
CA VAL A 87 12.98 16.97 -7.66
C VAL A 87 12.50 16.01 -6.58
N ASN A 88 13.43 15.37 -5.89
CA ASN A 88 13.10 14.38 -4.84
C ASN A 88 14.18 14.36 -3.80
N ALA A 89 13.90 13.73 -2.65
CA ALA A 89 14.89 13.56 -1.58
C ALA A 89 14.48 12.37 -0.75
N TYR A 90 15.43 11.73 -0.07
CA TYR A 90 15.10 10.62 0.82
C TYR A 90 16.11 10.55 1.94
N THR A 91 15.68 9.97 3.07
CA THR A 91 16.52 9.73 4.24
C THR A 91 16.45 8.25 4.55
N SER A 92 17.62 7.61 4.67
CA SER A 92 17.65 6.20 5.03
C SER A 92 18.46 6.08 6.33
N TYR A 93 18.80 4.86 6.71
CA TYR A 93 19.64 4.63 7.89
C TYR A 93 21.03 5.22 7.70
N ASP A 94 21.56 5.10 6.48
CA ASP A 94 22.94 5.43 6.09
C ASP A 94 23.19 6.78 5.47
N GLU A 95 22.17 7.41 4.86
CA GLU A 95 22.38 8.64 4.13
C GLU A 95 21.12 9.47 3.93
N THR A 96 21.33 10.71 3.46
CA THR A 96 20.29 11.64 3.07
C THR A 96 20.71 12.07 1.67
N VAL A 97 19.82 11.93 0.70
CA VAL A 97 20.17 12.26 -0.69
C VAL A 97 19.15 13.24 -1.27
N TYR A 98 19.64 14.27 -1.99
CA TYR A 98 18.86 15.32 -2.64
C TYR A 98 19.03 15.19 -4.14
N GLN A 99 17.91 15.00 -4.86
CA GLN A 99 17.95 14.63 -6.28
C GLN A 99 17.23 15.59 -7.20
N VAL A 100 17.91 15.96 -8.30
CA VAL A 100 17.34 16.79 -9.36
C VAL A 100 17.74 16.17 -10.73
N SER A 101 16.76 15.99 -11.61
CA SER A 101 16.94 15.52 -12.98
C SER A 101 16.41 16.65 -13.87
N LEU A 102 17.23 17.14 -14.80
CA LEU A 102 16.82 18.23 -15.68
C LEU A 102 17.53 18.13 -17.02
N PRO A 103 17.06 18.84 -18.08
CA PRO A 103 17.81 18.85 -19.35
C PRO A 103 19.16 19.56 -19.20
N THR A 104 20.11 19.28 -20.09
CA THR A 104 21.43 19.94 -20.09
C THR A 104 21.44 21.11 -21.08
N THR A 105 20.39 21.28 -21.88
CA THR A 105 20.31 22.25 -22.97
C THR A 105 20.11 23.72 -22.53
N GLN A 106 19.60 23.98 -21.31
CA GLN A 106 19.43 25.35 -20.80
C GLN A 106 20.47 25.53 -19.69
N LYS A 107 21.62 26.15 -20.03
CA LYS A 107 22.76 26.35 -19.13
C LYS A 107 22.46 27.21 -17.90
N GLN A 108 21.62 28.23 -18.04
CA GLN A 108 21.25 29.10 -16.91
C GLN A 108 20.47 28.32 -15.85
N ASN A 109 19.65 27.33 -16.28
CA ASN A 109 18.87 26.46 -15.40
C ASN A 109 19.79 25.51 -14.64
N LEU A 110 20.83 24.98 -15.33
CA LEU A 110 21.83 24.12 -14.68
C LEU A 110 22.49 24.88 -13.55
N GLN A 111 22.88 26.14 -13.81
CA GLN A 111 23.51 27.07 -12.87
C GLN A 111 22.60 27.40 -11.68
N GLN A 112 21.31 27.67 -11.96
CA GLN A 112 20.32 27.95 -10.96
C GLN A 112 20.17 26.75 -10.01
N VAL A 113 20.09 25.50 -10.57
CA VAL A 113 19.96 24.27 -9.77
C VAL A 113 21.20 24.11 -8.85
N MET A 114 22.39 24.38 -9.40
CA MET A 114 23.66 24.29 -8.64
C MET A 114 23.70 25.30 -7.48
N ALA A 115 23.11 26.49 -7.68
CA ALA A 115 23.03 27.56 -6.67
C ALA A 115 22.14 27.10 -5.51
N ILE A 116 21.04 26.36 -5.81
CA ILE A 116 20.14 25.77 -4.81
C ILE A 116 20.90 24.69 -4.02
N PHE A 117 21.70 23.84 -4.71
CA PHE A 117 22.50 22.79 -4.03
C PHE A 117 23.50 23.40 -3.06
N SER A 118 24.14 24.52 -3.46
CA SER A 118 25.11 25.24 -2.63
C SER A 118 24.48 25.71 -1.28
N GLU A 119 23.22 26.18 -1.32
CA GLU A 119 22.48 26.62 -0.15
C GLU A 119 21.91 25.48 0.67
N TRP A 120 21.60 24.33 0.04
CA TRP A 120 21.14 23.19 0.84
C TRP A 120 22.33 22.71 1.70
N SER A 121 23.57 22.84 1.16
CA SER A 121 24.81 22.43 1.81
C SER A 121 25.11 23.12 3.15
N ASN A 122 24.82 24.43 3.29
CA ASN A 122 25.13 25.21 4.50
C ASN A 122 24.24 26.44 4.79
N ALA A 123 23.21 26.72 3.95
CA ALA A 123 22.42 27.95 4.14
C ALA A 123 20.92 27.75 4.39
N ALA A 124 20.50 26.54 4.83
CA ALA A 124 19.10 26.27 5.20
C ALA A 124 18.80 27.10 6.47
N THR A 125 17.61 27.72 6.56
CA THR A 125 17.29 28.65 7.66
C THR A 125 16.44 28.10 8.83
N PHE A 126 15.64 27.03 8.62
CA PHE A 126 14.79 26.45 9.69
C PHE A 126 13.92 27.51 10.40
N GLU A 127 13.12 28.26 9.62
CA GLU A 127 12.20 29.28 10.13
C GLU A 127 11.15 28.59 10.99
N LYS A 128 10.87 29.14 12.18
CA LYS A 128 9.91 28.61 13.17
C LYS A 128 8.59 28.19 12.53
N LEU A 129 7.97 29.10 11.74
CA LEU A 129 6.70 28.87 11.07
C LEU A 129 6.76 27.68 10.10
N GLU A 130 7.89 27.54 9.37
CA GLU A 130 8.12 26.43 8.41
C GLU A 130 8.31 25.11 9.11
N VAL A 131 9.08 25.09 10.22
CA VAL A 131 9.30 23.90 11.04
C VAL A 131 7.94 23.39 11.56
N ASP A 132 7.11 24.29 12.13
CA ASP A 132 5.77 24.00 12.64
C ASP A 132 4.87 23.39 11.56
N ALA A 133 4.98 23.91 10.32
CA ALA A 133 4.22 23.40 9.18
C ALA A 133 4.66 21.99 8.84
N GLU A 134 5.98 21.70 8.88
CA GLU A 134 6.48 20.36 8.55
C GLU A 134 6.15 19.30 9.60
N ARG A 135 5.88 19.68 10.88
CA ARG A 135 5.51 18.70 11.92
C ARG A 135 4.25 17.93 11.49
N GLY A 136 3.23 18.67 11.04
CA GLY A 136 1.98 18.11 10.54
C GLY A 136 2.15 17.21 9.33
N VAL A 137 3.05 17.61 8.41
CA VAL A 137 3.42 16.90 7.18
C VAL A 137 3.98 15.52 7.50
N ILE A 138 5.03 15.48 8.35
CA ILE A 138 5.71 14.25 8.76
C ILE A 138 4.75 13.30 9.51
N THR A 139 3.92 13.85 10.43
CA THR A 139 2.92 13.10 11.19
C THR A 139 1.93 12.40 10.24
N GLU A 140 1.47 13.12 9.17
CA GLU A 140 0.55 12.57 8.17
C GLU A 140 1.21 11.48 7.30
N GLU A 141 2.48 11.70 6.90
CA GLU A 141 3.24 10.74 6.10
C GLU A 141 3.49 9.45 6.89
N TRP A 142 3.76 9.58 8.20
CA TRP A 142 3.98 8.46 9.11
C TRP A 142 2.76 7.52 9.09
N ARG A 143 1.54 8.07 9.22
CA ARG A 143 0.30 7.32 9.19
C ARG A 143 0.01 6.70 7.80
N ALA A 144 0.16 7.50 6.72
CA ALA A 144 -0.10 7.11 5.34
C ALA A 144 0.64 5.87 4.85
N HIS A 145 1.94 5.74 5.20
CA HIS A 145 2.80 4.63 4.79
C HIS A 145 2.52 3.29 5.51
N GLN A 146 1.74 3.31 6.61
CA GLN A 146 1.37 2.13 7.41
C GLN A 146 0.39 1.16 6.68
N ASP A 147 0.88 0.53 5.59
CA ASP A 147 0.13 -0.44 4.78
C ASP A 147 0.54 -1.89 5.16
N ALA A 148 0.05 -2.92 4.41
CA ALA A 148 0.39 -4.34 4.64
C ALA A 148 1.91 -4.61 4.63
N LYS A 149 2.64 -4.08 3.62
CA LYS A 149 4.10 -4.21 3.48
C LYS A 149 4.84 -3.65 4.70
N TRP A 150 4.38 -2.50 5.23
CA TRP A 150 4.94 -1.86 6.42
C TRP A 150 4.68 -2.71 7.67
N ARG A 151 3.43 -3.20 7.84
CA ARG A 151 3.05 -4.03 8.97
C ARG A 151 3.84 -5.36 8.98
N THR A 152 4.09 -5.94 7.77
CA THR A 152 4.87 -7.16 7.59
C THR A 152 6.32 -6.88 8.00
N SER A 153 6.92 -5.77 7.48
CA SER A 153 8.27 -5.32 7.83
C SER A 153 8.40 -5.06 9.34
N GLN A 154 7.39 -4.43 9.97
CA GLN A 154 7.37 -4.19 11.42
C GLN A 154 7.38 -5.49 12.22
N ALA A 155 6.57 -6.49 11.78
CA ALA A 155 6.48 -7.81 12.42
C ALA A 155 7.79 -8.63 12.28
N ARG A 156 8.43 -8.55 11.09
CA ARG A 156 9.70 -9.24 10.78
C ARG A 156 10.89 -8.59 11.48
N ARG A 157 10.82 -7.25 11.65
CA ARG A 157 11.85 -6.35 12.17
C ARG A 157 12.64 -6.87 13.37
N PRO A 158 12.02 -7.29 14.52
CA PRO A 158 12.82 -7.73 15.67
C PRO A 158 13.69 -8.96 15.38
N PHE A 159 13.22 -9.82 14.47
CA PHE A 159 13.89 -11.05 14.06
C PHE A 159 15.05 -10.71 13.12
N LEU A 160 14.74 -9.94 12.08
CA LEU A 160 15.69 -9.54 11.05
C LEU A 160 16.79 -8.60 11.56
N LEU A 161 16.42 -7.60 12.39
CA LEU A 161 17.39 -6.59 12.83
C LEU A 161 17.90 -6.75 14.26
N ALA A 162 17.84 -7.97 14.84
CA ALA A 162 18.36 -8.21 16.19
C ALA A 162 19.85 -7.78 16.26
N ASN A 163 20.22 -7.05 17.31
CA ASN A 163 21.60 -6.59 17.58
C ASN A 163 22.17 -5.62 16.53
N THR A 164 21.31 -4.86 15.84
CA THR A 164 21.77 -3.84 14.89
C THR A 164 21.42 -2.47 15.47
N ARG A 165 22.15 -1.41 15.09
CA ARG A 165 21.79 -0.04 15.50
C ARG A 165 20.49 0.36 14.73
N ASN A 166 20.30 -0.21 13.51
CA ASN A 166 19.15 -0.06 12.62
C ASN A 166 17.83 -0.35 13.32
N LEU A 167 17.84 -1.34 14.26
CA LEU A 167 16.65 -1.72 15.03
C LEU A 167 16.09 -0.50 15.80
N ASP A 168 16.96 0.29 16.40
CA ASP A 168 16.59 1.45 17.21
C ASP A 168 16.52 2.80 16.44
N ARG A 169 16.76 2.76 15.11
CA ARG A 169 16.86 3.97 14.30
C ARG A 169 16.07 3.96 12.97
N GLU A 170 14.78 3.60 13.01
CA GLU A 170 13.92 3.67 11.80
C GLU A 170 13.87 5.16 11.35
N PRO A 171 14.11 5.46 10.05
CA PRO A 171 14.21 6.89 9.63
C PRO A 171 13.05 7.82 9.99
N ILE A 172 11.79 7.37 10.00
CA ILE A 172 10.65 8.23 10.37
C ILE A 172 10.77 8.77 11.83
N GLY A 173 11.46 8.01 12.70
CA GLY A 173 11.66 8.37 14.09
C GLY A 173 10.38 8.28 14.93
N LEU A 174 10.26 9.17 15.93
CA LEU A 174 9.11 9.21 16.86
C LEU A 174 8.28 10.45 16.62
N MET A 175 6.94 10.33 16.64
CA MET A 175 6.06 11.48 16.42
C MET A 175 6.14 12.49 17.53
N ASP A 176 6.53 12.04 18.74
CA ASP A 176 6.72 12.89 19.91
C ASP A 176 7.98 13.76 19.74
N THR A 177 9.00 13.25 19.00
CA THR A 177 10.19 14.04 18.69
C THR A 177 9.82 15.06 17.58
N VAL A 178 9.07 14.61 16.56
CA VAL A 178 8.57 15.41 15.43
C VAL A 178 7.74 16.62 15.94
N ALA A 179 6.93 16.40 16.99
CA ALA A 179 6.07 17.43 17.60
C ALA A 179 6.80 18.46 18.47
N THR A 180 7.90 18.06 19.17
CA THR A 180 8.62 18.89 20.14
C THR A 180 10.01 19.43 19.74
N VAL A 181 10.70 18.79 18.79
CA VAL A 181 12.04 19.20 18.34
C VAL A 181 12.05 20.69 17.94
N THR A 182 12.97 21.47 18.53
CA THR A 182 13.03 22.91 18.27
C THR A 182 13.75 23.21 16.96
N PRO A 183 13.51 24.39 16.33
CA PRO A 183 14.30 24.74 15.13
C PRO A 183 15.80 24.79 15.42
N ALA A 184 16.20 25.15 16.66
CA ALA A 184 17.61 25.20 17.08
C ALA A 184 18.21 23.79 17.14
N GLN A 185 17.43 22.79 17.59
CA GLN A 185 17.87 21.39 17.63
C GLN A 185 18.03 20.80 16.21
N LEU A 186 17.13 21.16 15.28
CA LEU A 186 17.22 20.73 13.88
C LEU A 186 18.46 21.33 13.23
N ARG A 187 18.73 22.62 13.55
CA ARG A 187 19.88 23.39 13.07
C ARG A 187 21.17 22.75 13.59
N GLN A 188 21.18 22.30 14.86
CA GLN A 188 22.34 21.66 15.48
C GLN A 188 22.74 20.37 14.74
N PHE A 189 21.78 19.49 14.42
CA PHE A 189 22.05 18.24 13.68
C PHE A 189 22.59 18.60 12.29
N TYR A 190 21.92 19.53 11.60
CA TYR A 190 22.30 20.03 10.28
C TYR A 190 23.75 20.53 10.25
N GLN A 191 24.13 21.42 11.20
CA GLN A 191 25.50 21.96 11.22
C GLN A 191 26.54 20.91 11.67
N ARG A 192 26.11 19.89 12.43
CA ARG A 192 26.98 18.80 12.88
C ARG A 192 27.38 17.88 11.71
N TRP A 193 26.41 17.53 10.83
CA TRP A 193 26.62 16.56 9.76
C TRP A 193 26.72 17.12 8.35
N TYR A 194 26.11 18.30 8.09
CA TYR A 194 26.14 18.92 6.76
C TYR A 194 27.34 19.85 6.61
N GLN A 195 28.50 19.23 6.43
CA GLN A 195 29.80 19.90 6.22
C GLN A 195 30.45 19.22 5.02
N PRO A 196 31.28 19.95 4.20
CA PRO A 196 31.76 19.37 2.92
C PRO A 196 32.44 18.01 2.94
N ASN A 197 33.23 17.68 3.96
CA ASN A 197 33.96 16.39 4.03
C ASN A 197 33.03 15.17 4.26
N ASN A 198 31.72 15.40 4.49
CA ASN A 198 30.73 14.36 4.67
C ASN A 198 29.77 14.39 3.47
N MET A 199 30.19 15.06 2.36
CA MET A 199 29.35 15.20 1.16
C MET A 199 30.01 14.74 -0.12
N THR A 200 29.19 14.14 -1.00
CA THR A 200 29.56 13.72 -2.33
C THR A 200 28.50 14.26 -3.28
N PHE A 201 28.92 15.05 -4.28
CA PHE A 201 28.04 15.56 -5.32
C PHE A 201 28.18 14.63 -6.53
N ILE A 202 27.07 14.02 -6.99
CA ILE A 202 27.04 13.04 -8.09
C ILE A 202 26.40 13.61 -9.37
N VAL A 203 27.14 13.58 -10.49
CA VAL A 203 26.67 14.06 -11.81
C VAL A 203 26.65 12.87 -12.77
N VAL A 204 25.46 12.44 -13.24
CA VAL A 204 25.33 11.31 -14.17
C VAL A 204 24.46 11.77 -15.33
N GLY A 205 25.01 11.76 -16.53
CA GLY A 205 24.23 12.20 -17.66
C GLY A 205 25.03 12.81 -18.78
N ASP A 206 24.31 13.44 -19.71
CA ASP A 206 24.80 13.96 -20.98
C ASP A 206 25.49 15.32 -20.90
N ILE A 207 26.65 15.34 -20.25
CA ILE A 207 27.46 16.54 -20.04
C ILE A 207 28.96 16.19 -20.20
N ASP A 208 29.77 17.07 -20.78
CA ASP A 208 31.19 16.71 -20.93
C ASP A 208 31.95 16.90 -19.61
N SER A 209 33.13 16.27 -19.49
CA SER A 209 33.97 16.33 -18.28
C SER A 209 34.26 17.77 -17.82
N LYS A 210 34.71 18.63 -18.75
CA LYS A 210 35.06 20.03 -18.48
C LYS A 210 33.88 20.82 -17.93
N GLU A 211 32.72 20.76 -18.60
CA GLU A 211 31.51 21.46 -18.17
C GLU A 211 31.01 20.96 -16.81
N ALA A 212 30.97 19.63 -16.59
CA ALA A 212 30.53 19.07 -15.30
C ALA A 212 31.48 19.45 -14.18
N LEU A 213 32.82 19.36 -14.40
CA LEU A 213 33.80 19.74 -13.38
C LEU A 213 33.70 21.24 -13.05
N ALA A 214 33.42 22.08 -14.07
CA ALA A 214 33.26 23.51 -13.88
C ALA A 214 32.00 23.80 -13.06
N LEU A 215 30.87 23.09 -13.32
CA LEU A 215 29.60 23.28 -12.58
C LEU A 215 29.84 23.10 -11.09
N ILE A 216 30.55 22.02 -10.72
CA ILE A 216 30.88 21.68 -9.34
C ILE A 216 31.82 22.69 -8.71
N LYS A 217 32.97 22.95 -9.35
CA LYS A 217 33.96 23.89 -8.80
C LYS A 217 33.43 25.32 -8.70
N ASP A 218 32.71 25.82 -9.73
CA ASP A 218 32.16 27.18 -9.71
C ASP A 218 31.13 27.40 -8.63
N ASN A 219 30.43 26.34 -8.20
CA ASN A 219 29.33 26.50 -7.25
C ASN A 219 29.52 25.88 -5.88
N LEU A 220 30.49 24.98 -5.70
CA LEU A 220 30.62 24.31 -4.40
C LEU A 220 31.97 24.46 -3.73
N SER A 221 32.94 25.06 -4.40
CA SER A 221 34.27 25.22 -3.82
C SER A 221 34.34 26.36 -2.77
N LYS A 222 33.39 27.31 -2.82
CA LYS A 222 33.35 28.42 -1.85
C LYS A 222 32.73 28.04 -0.49
N LEU A 223 32.20 26.80 -0.34
CA LEU A 223 31.64 26.34 0.93
C LEU A 223 32.79 26.27 1.95
N PRO A 224 32.67 26.87 3.16
CA PRO A 224 33.78 26.80 4.14
C PRO A 224 34.22 25.38 4.47
N ALA A 225 35.54 25.20 4.65
CA ALA A 225 36.17 23.92 4.93
C ALA A 225 35.91 23.38 6.35
N ASN A 226 34.65 23.41 6.80
CA ASN A 226 34.30 22.87 8.11
C ASN A 226 34.29 21.34 8.01
N LYS A 227 34.65 20.68 9.12
CA LYS A 227 34.71 19.24 9.25
C LYS A 227 33.44 18.79 9.97
N ALA A 228 32.76 17.77 9.42
CA ALA A 228 31.57 17.21 10.07
C ALA A 228 32.04 16.34 11.23
N ALA A 229 31.11 15.92 12.10
CA ALA A 229 31.41 14.98 13.20
C ALA A 229 31.70 13.62 12.54
N GLU A 230 32.45 12.73 13.21
CA GLU A 230 32.72 11.43 12.60
C GLU A 230 31.52 10.51 12.68
N ASN A 231 31.20 9.81 11.58
CA ASN A 231 30.09 8.87 11.55
C ASN A 231 30.51 7.66 12.35
N ARG A 232 29.74 7.31 13.39
CA ARG A 232 30.05 6.15 14.24
C ARG A 232 29.61 4.88 13.53
N VAL A 233 30.21 3.74 13.88
CA VAL A 233 29.90 2.43 13.31
C VAL A 233 29.54 1.51 14.49
N TRP A 234 28.42 0.80 14.38
CA TRP A 234 27.96 -0.15 15.39
C TRP A 234 28.05 -1.58 14.80
N PRO A 235 29.10 -2.36 15.14
CA PRO A 235 29.20 -3.72 14.60
C PRO A 235 28.02 -4.60 15.05
N THR A 236 27.39 -5.28 14.07
CA THR A 236 26.26 -6.17 14.32
C THR A 236 26.77 -7.43 15.04
N LYS A 237 26.03 -7.88 16.05
CA LYS A 237 26.41 -9.05 16.84
C LYS A 237 25.49 -10.21 16.48
N ALA A 238 26.06 -11.42 16.33
CA ALA A 238 25.26 -12.60 16.01
C ALA A 238 24.29 -12.92 17.14
N GLU A 239 23.12 -13.47 16.79
CA GLU A 239 22.14 -13.94 17.77
C GLU A 239 22.03 -15.44 17.50
N ASN A 240 22.81 -16.23 18.24
CA ASN A 240 22.96 -17.67 18.11
C ASN A 240 21.79 -18.44 18.73
N HIS A 241 20.59 -18.20 18.18
CA HIS A 241 19.33 -18.77 18.61
C HIS A 241 18.42 -18.87 17.40
N LEU A 242 17.74 -19.98 17.30
CA LEU A 242 16.77 -20.23 16.22
C LEU A 242 15.41 -19.66 16.64
N ARG A 243 14.85 -18.77 15.86
CA ARG A 243 13.56 -18.15 16.19
C ARG A 243 12.46 -18.58 15.24
N PHE A 244 11.20 -18.33 15.63
CA PHE A 244 10.04 -18.72 14.85
C PHE A 244 9.01 -17.61 14.86
N ASN A 245 8.41 -17.32 13.70
CA ASN A 245 7.40 -16.27 13.59
C ASN A 245 6.29 -16.62 12.60
N ILE A 246 5.07 -16.17 12.89
CA ILE A 246 3.93 -16.32 11.99
C ILE A 246 3.38 -14.91 11.82
N ILE A 247 3.35 -14.42 10.56
CA ILE A 247 2.83 -13.09 10.25
C ILE A 247 1.41 -13.27 9.74
N ASN A 248 0.43 -12.82 10.54
CA ASN A 248 -0.97 -12.92 10.19
C ASN A 248 -1.47 -11.52 9.78
N ASP A 249 -1.73 -11.34 8.47
CA ASP A 249 -2.24 -10.09 7.90
C ASP A 249 -3.19 -10.40 6.76
N LYS A 250 -4.47 -10.08 6.94
CA LYS A 250 -5.55 -10.34 5.98
C LYS A 250 -5.36 -9.63 4.65
N GLU A 251 -4.57 -8.53 4.65
CA GLU A 251 -4.26 -7.70 3.47
C GLU A 251 -3.07 -8.21 2.64
N ASN A 252 -2.27 -9.16 3.20
CA ASN A 252 -1.15 -9.77 2.48
C ASN A 252 -1.73 -10.73 1.44
N ARG A 253 -1.15 -10.78 0.23
CA ARG A 253 -1.71 -11.56 -0.87
C ARG A 253 -1.14 -12.99 -1.04
N VAL A 254 0.05 -13.27 -0.48
CA VAL A 254 0.72 -14.56 -0.63
C VAL A 254 0.99 -15.26 0.71
N ASN A 255 0.57 -16.53 0.82
CA ASN A 255 0.85 -17.36 1.99
C ASN A 255 2.09 -18.16 1.69
N GLY A 256 2.89 -18.44 2.71
CA GLY A 256 4.12 -19.20 2.51
C GLY A 256 4.98 -19.41 3.73
N ILE A 257 6.15 -20.01 3.50
CA ILE A 257 7.14 -20.34 4.53
C ILE A 257 8.53 -19.92 4.05
N ALA A 258 9.35 -19.38 4.96
CA ALA A 258 10.70 -18.98 4.64
C ALA A 258 11.67 -19.29 5.79
N LEU A 259 12.89 -19.63 5.43
CA LEU A 259 13.99 -19.78 6.41
C LEU A 259 14.98 -18.63 6.15
N TYR A 260 15.27 -17.82 7.16
CA TYR A 260 16.18 -16.68 7.07
C TYR A 260 17.44 -16.97 7.85
N TYR A 261 18.57 -16.72 7.26
CA TYR A 261 19.88 -16.81 7.91
C TYR A 261 20.44 -15.38 7.99
N ARG A 262 21.16 -15.01 9.02
CA ARG A 262 21.77 -13.68 9.14
C ARG A 262 23.27 -13.89 9.18
N LEU A 263 24.02 -13.11 8.41
CA LEU A 263 25.47 -13.30 8.34
C LEU A 263 26.20 -12.00 7.94
N PRO A 264 27.53 -11.88 8.22
CA PRO A 264 28.25 -10.67 7.79
C PRO A 264 28.17 -10.43 6.30
N MET A 265 28.18 -9.15 5.91
CA MET A 265 28.17 -8.79 4.50
C MET A 265 29.52 -8.21 4.14
N VAL A 266 30.23 -8.84 3.18
CA VAL A 266 31.53 -8.33 2.77
C VAL A 266 31.36 -7.27 1.69
N GLN A 267 32.16 -6.23 1.79
CA GLN A 267 32.19 -5.13 0.82
C GLN A 267 33.09 -5.62 -0.31
N VAL A 268 32.63 -5.52 -1.57
CA VAL A 268 33.42 -5.94 -2.73
C VAL A 268 34.42 -4.83 -3.09
N ASN A 269 35.68 -4.96 -2.63
CA ASN A 269 36.74 -3.99 -2.93
C ASN A 269 38.03 -4.65 -3.45
N ASP A 270 38.07 -6.01 -3.49
CA ASP A 270 39.21 -6.78 -3.98
C ASP A 270 38.77 -8.12 -4.58
N GLU A 271 39.73 -8.93 -5.07
CA GLU A 271 39.47 -10.22 -5.73
C GLU A 271 38.85 -11.29 -4.81
N GLN A 272 39.35 -11.42 -3.58
CA GLN A 272 38.84 -12.35 -2.58
C GLN A 272 37.39 -12.00 -2.20
N SER A 273 37.08 -10.70 -1.96
CA SER A 273 35.71 -10.31 -1.60
C SER A 273 34.76 -10.35 -2.80
N PHE A 274 35.28 -10.21 -4.04
CA PHE A 274 34.47 -10.37 -5.26
C PHE A 274 34.00 -11.84 -5.33
N ILE A 275 34.91 -12.80 -5.04
CA ILE A 275 34.63 -14.24 -5.06
C ILE A 275 33.62 -14.61 -3.98
N GLU A 276 33.81 -14.11 -2.74
CA GLU A 276 32.92 -14.36 -1.60
C GLU A 276 31.48 -13.96 -1.94
N GLN A 277 31.29 -12.75 -2.51
CA GLN A 277 29.95 -12.25 -2.87
C GLN A 277 29.37 -13.10 -3.99
N ALA A 278 30.21 -13.45 -5.00
CA ALA A 278 29.78 -14.26 -6.14
C ALA A 278 29.31 -15.66 -5.70
N GLU A 279 29.94 -16.23 -4.67
CA GLU A 279 29.56 -17.55 -4.15
C GLU A 279 28.19 -17.50 -3.45
N TRP A 280 27.89 -16.44 -2.66
CA TRP A 280 26.56 -16.32 -2.02
C TRP A 280 25.48 -16.12 -3.08
N SER A 281 25.78 -15.29 -4.10
CA SER A 281 24.90 -14.97 -5.22
C SER A 281 24.60 -16.22 -6.06
N MET A 282 25.61 -17.07 -6.26
CA MET A 282 25.45 -18.30 -7.02
C MET A 282 24.67 -19.35 -6.27
N LEU A 283 24.87 -19.46 -4.93
CA LEU A 283 24.10 -20.38 -4.09
C LEU A 283 22.62 -20.04 -4.14
N VAL A 284 22.31 -18.72 -4.10
CA VAL A 284 20.96 -18.14 -4.19
C VAL A 284 20.37 -18.47 -5.57
N GLN A 285 21.11 -18.19 -6.65
CA GLN A 285 20.66 -18.47 -8.01
C GLN A 285 20.42 -19.97 -8.27
N LEU A 286 21.33 -20.83 -7.79
CA LEU A 286 21.22 -22.28 -7.99
C LEU A 286 19.96 -22.83 -7.32
N PHE A 287 19.63 -22.33 -6.11
CA PHE A 287 18.41 -22.70 -5.38
C PHE A 287 17.19 -22.33 -6.25
N ASN A 288 17.14 -21.06 -6.74
CA ASN A 288 16.10 -20.51 -7.60
C ASN A 288 15.92 -21.32 -8.86
N GLN A 289 17.05 -21.66 -9.52
CA GLN A 289 17.11 -22.47 -10.74
C GLN A 289 16.46 -23.83 -10.49
N ARG A 290 16.91 -24.57 -9.46
CA ARG A 290 16.35 -25.89 -9.13
C ARG A 290 14.87 -25.85 -8.86
N LEU A 291 14.39 -24.90 -8.02
CA LEU A 291 12.95 -24.76 -7.72
C LEU A 291 12.12 -24.50 -8.98
N GLN A 292 12.59 -23.57 -9.85
CA GLN A 292 11.91 -23.22 -11.09
C GLN A 292 11.88 -24.38 -12.10
N GLU A 293 12.93 -25.21 -12.11
CA GLU A 293 13.05 -26.38 -12.98
C GLU A 293 12.05 -27.45 -12.53
N ARG A 294 11.90 -27.63 -11.20
CA ARG A 294 10.96 -28.58 -10.60
C ARG A 294 9.51 -28.14 -10.82
N ILE A 295 9.22 -26.83 -10.75
CA ILE A 295 7.87 -26.30 -10.97
C ILE A 295 7.49 -26.42 -12.45
N GLN A 296 8.34 -25.92 -13.36
CA GLN A 296 8.06 -25.94 -14.79
C GLN A 296 8.02 -27.36 -15.38
N SER A 297 8.80 -28.31 -14.81
CA SER A 297 8.75 -29.70 -15.27
C SER A 297 7.49 -30.44 -14.77
N GLY A 298 6.71 -29.81 -13.90
CA GLY A 298 5.47 -30.35 -13.36
C GLY A 298 5.56 -31.12 -12.05
N GLU A 299 6.78 -31.25 -11.49
CA GLU A 299 7.03 -31.98 -10.22
C GLU A 299 6.37 -31.32 -9.01
N LEU A 300 6.30 -29.97 -8.98
CA LEU A 300 5.76 -29.21 -7.84
C LEU A 300 4.53 -28.37 -8.16
N LYS A 301 3.37 -29.02 -8.29
CA LYS A 301 2.12 -28.30 -8.54
C LYS A 301 1.33 -28.08 -7.24
N THR A 302 1.88 -28.61 -6.12
CA THR A 302 1.37 -28.49 -4.74
C THR A 302 1.73 -27.11 -4.14
N ILE A 303 2.60 -26.33 -4.83
CA ILE A 303 3.09 -24.99 -4.46
C ILE A 303 2.93 -24.01 -5.64
N SER A 304 2.89 -22.69 -5.36
CA SER A 304 2.73 -21.68 -6.42
C SER A 304 4.08 -21.19 -6.99
N GLY A 305 5.05 -21.00 -6.11
CA GLY A 305 6.37 -20.54 -6.49
C GLY A 305 7.30 -20.46 -5.29
N GLY A 306 8.30 -19.59 -5.40
CA GLY A 306 9.27 -19.38 -4.35
C GLY A 306 10.55 -18.75 -4.84
N THR A 307 11.40 -18.29 -3.89
CA THR A 307 12.68 -17.63 -4.20
C THR A 307 13.71 -17.73 -3.06
N ALA A 308 14.95 -17.47 -3.39
CA ALA A 308 16.07 -17.35 -2.48
C ALA A 308 16.61 -15.96 -2.79
N ARG A 309 16.99 -15.22 -1.76
CA ARG A 309 17.48 -13.86 -1.92
C ARG A 309 18.37 -13.45 -0.77
N SER A 310 19.25 -12.49 -1.04
CA SER A 310 20.10 -11.86 -0.06
C SER A 310 19.60 -10.42 0.08
N VAL A 311 19.55 -9.91 1.31
CA VAL A 311 19.14 -8.53 1.59
C VAL A 311 20.10 -7.91 2.61
N LYS A 312 20.46 -6.62 2.41
CA LYS A 312 21.27 -5.84 3.35
C LYS A 312 20.39 -5.54 4.58
N ILE A 313 20.91 -5.80 5.80
CA ILE A 313 20.12 -5.55 7.02
C ILE A 313 20.77 -4.46 7.90
N ALA A 314 22.07 -4.21 7.69
CA ALA A 314 22.87 -3.22 8.42
C ALA A 314 24.11 -2.90 7.53
N PRO A 315 24.93 -1.84 7.79
CA PRO A 315 26.11 -1.59 6.93
C PRO A 315 27.09 -2.77 6.80
N ASP A 316 27.18 -3.63 7.83
CA ASP A 316 28.12 -4.78 7.87
C ASP A 316 27.45 -6.15 7.76
N TYR A 317 26.12 -6.20 7.53
CA TYR A 317 25.36 -7.43 7.64
C TYR A 317 24.27 -7.64 6.62
N GLN A 318 23.98 -8.92 6.36
CA GLN A 318 22.97 -9.35 5.43
C GLN A 318 22.14 -10.53 5.94
N SER A 319 21.03 -10.77 5.25
CA SER A 319 20.22 -11.94 5.47
C SER A 319 20.05 -12.67 4.16
N LEU A 320 20.22 -13.99 4.22
CA LEU A 320 19.97 -14.87 3.10
C LEU A 320 18.74 -15.68 3.48
N PHE A 321 17.66 -15.55 2.70
CA PHE A 321 16.45 -16.32 2.98
C PHE A 321 16.04 -17.25 1.83
N PHE A 322 15.33 -18.33 2.18
CA PHE A 322 14.82 -19.33 1.23
C PHE A 322 13.33 -19.43 1.46
N ARG A 323 12.54 -19.02 0.46
CA ARG A 323 11.09 -18.97 0.54
C ARG A 323 10.38 -19.86 -0.47
N VAL A 324 9.26 -20.47 -0.02
CA VAL A 324 8.36 -21.25 -0.86
C VAL A 324 6.95 -20.67 -0.64
N ASN A 325 6.30 -20.23 -1.73
CA ASN A 325 4.95 -19.67 -1.69
C ASN A 325 3.92 -20.80 -1.79
N ALA A 326 2.95 -20.77 -0.87
CA ALA A 326 1.90 -21.78 -0.77
C ALA A 326 0.79 -21.63 -1.80
N ARG A 327 0.26 -22.78 -2.22
CA ARG A 327 -0.88 -22.90 -3.12
C ARG A 327 -2.07 -22.75 -2.17
N ASP A 328 -2.76 -21.59 -2.23
CA ASP A 328 -3.90 -21.21 -1.38
C ASP A 328 -3.51 -21.14 0.11
N ASP A 329 -4.03 -22.09 0.92
CA ASP A 329 -3.84 -22.22 2.36
C ASP A 329 -3.06 -23.51 2.71
N ASN A 330 -2.50 -24.19 1.70
CA ASN A 330 -1.78 -25.43 1.88
C ASN A 330 -0.36 -25.17 2.44
N MET A 331 -0.30 -24.90 3.76
CA MET A 331 0.95 -24.62 4.47
C MET A 331 1.86 -25.84 4.58
N GLN A 332 1.29 -27.05 4.66
CA GLN A 332 2.03 -28.31 4.76
C GLN A 332 2.83 -28.59 3.50
N ASP A 333 2.23 -28.38 2.33
CA ASP A 333 2.88 -28.59 1.04
C ASP A 333 4.03 -27.62 0.80
N ALA A 334 3.87 -26.35 1.23
CA ALA A 334 4.89 -25.31 1.14
C ALA A 334 6.11 -25.70 1.98
N ALA A 335 5.87 -26.07 3.25
CA ALA A 335 6.89 -26.50 4.21
C ALA A 335 7.60 -27.75 3.66
N ASN A 336 6.82 -28.73 3.15
CA ASN A 336 7.36 -29.96 2.55
C ASN A 336 8.31 -29.67 1.41
N ALA A 337 7.89 -28.82 0.43
CA ALA A 337 8.71 -28.42 -0.73
C ALA A 337 10.02 -27.74 -0.32
N LEU A 338 9.95 -26.80 0.64
CA LEU A 338 11.11 -26.06 1.13
C LEU A 338 12.11 -26.99 1.83
N MET A 339 11.63 -27.79 2.80
CA MET A 339 12.44 -28.74 3.57
C MET A 339 13.12 -29.78 2.67
N ALA A 340 12.36 -30.31 1.68
CA ALA A 340 12.82 -31.31 0.73
C ALA A 340 13.95 -30.76 -0.12
N GLU A 341 13.84 -29.49 -0.61
CA GLU A 341 14.88 -28.87 -1.43
C GLU A 341 16.14 -28.55 -0.62
N LEU A 342 15.99 -28.08 0.61
CA LEU A 342 17.12 -27.74 1.48
C LEU A 342 17.91 -29.00 1.87
N ALA A 343 17.20 -30.10 2.19
CA ALA A 343 17.79 -31.38 2.55
C ALA A 343 18.49 -32.06 1.35
N THR A 344 17.91 -31.92 0.13
CA THR A 344 18.49 -32.49 -1.11
C THR A 344 19.89 -31.85 -1.37
N ILE A 345 20.00 -30.52 -1.20
CA ILE A 345 21.26 -29.76 -1.36
C ILE A 345 22.23 -30.15 -0.23
N ASP A 346 21.70 -30.37 1.00
CA ASP A 346 22.54 -30.81 2.14
C ASP A 346 23.27 -32.12 1.81
N GLN A 347 22.53 -33.06 1.19
CA GLN A 347 23.01 -34.39 0.86
C GLN A 347 23.85 -34.49 -0.43
N HIS A 348 23.51 -33.73 -1.50
CA HIS A 348 24.22 -33.88 -2.79
C HIS A 348 24.77 -32.59 -3.42
N GLY A 349 24.48 -31.44 -2.83
CA GLY A 349 24.92 -30.15 -3.34
C GLY A 349 24.44 -29.86 -4.75
N PHE A 350 25.30 -29.22 -5.55
CA PHE A 350 24.96 -28.90 -6.93
C PHE A 350 25.87 -29.64 -7.87
N SER A 351 25.37 -29.98 -9.07
CA SER A 351 26.19 -30.71 -10.05
C SER A 351 27.06 -29.74 -10.82
N ALA A 352 28.09 -30.27 -11.50
CA ALA A 352 28.99 -29.50 -12.35
C ALA A 352 28.21 -28.85 -13.52
N GLU A 353 27.18 -29.54 -14.07
CA GLU A 353 26.35 -29.00 -15.17
C GLU A 353 25.50 -27.85 -14.70
N GLU A 354 24.95 -27.94 -13.47
CA GLU A 354 24.10 -26.90 -12.87
C GLU A 354 24.90 -25.60 -12.66
N LEU A 355 26.15 -25.72 -12.14
CA LEU A 355 27.05 -24.59 -11.90
C LEU A 355 27.53 -24.01 -13.24
N ASP A 356 27.90 -24.88 -14.21
CA ASP A 356 28.32 -24.49 -15.56
C ASP A 356 27.22 -23.71 -16.30
N ASP A 357 25.94 -24.08 -16.09
CA ASP A 357 24.83 -23.34 -16.70
C ASP A 357 24.63 -21.96 -16.05
N VAL A 358 24.78 -21.85 -14.72
CA VAL A 358 24.64 -20.56 -14.01
C VAL A 358 25.72 -19.58 -14.52
N LYS A 359 26.99 -20.03 -14.57
CA LYS A 359 28.14 -19.25 -15.05
C LYS A 359 27.96 -18.79 -16.52
N SER A 360 27.72 -19.73 -17.45
CA SER A 360 27.54 -19.42 -18.88
C SER A 360 26.38 -18.45 -19.18
N THR A 361 25.24 -18.58 -18.49
CA THR A 361 24.08 -17.69 -18.71
C THR A 361 24.31 -16.28 -18.13
N ARG A 362 25.07 -16.20 -17.02
CA ARG A 362 25.44 -14.93 -16.39
C ARG A 362 26.48 -14.23 -17.24
N LEU A 363 27.49 -14.97 -17.76
CA LEU A 363 28.50 -14.40 -18.65
C LEU A 363 27.90 -13.91 -19.96
N THR A 364 26.88 -14.63 -20.50
CA THR A 364 26.17 -14.21 -21.73
C THR A 364 25.51 -12.85 -21.47
N TRP A 365 24.83 -12.70 -20.31
CA TRP A 365 24.17 -11.47 -19.89
C TRP A 365 25.20 -10.35 -19.71
N LEU A 366 26.33 -10.67 -19.05
CA LEU A 366 27.40 -9.72 -18.79
C LEU A 366 28.03 -9.20 -20.05
N LYS A 367 28.24 -10.10 -21.05
CA LYS A 367 28.78 -9.76 -22.35
C LYS A 367 27.81 -8.83 -23.09
N ASN A 368 26.50 -9.14 -23.06
CA ASN A 368 25.48 -8.30 -23.69
C ASN A 368 25.36 -6.95 -22.96
N ALA A 369 25.60 -6.91 -21.62
CA ALA A 369 25.58 -5.68 -20.83
C ALA A 369 26.71 -4.73 -21.27
N VAL A 370 27.85 -5.28 -21.72
CA VAL A 370 28.96 -4.46 -22.23
C VAL A 370 28.50 -3.83 -23.57
N ASP A 371 27.94 -4.65 -24.46
CA ASP A 371 27.47 -4.23 -25.79
C ASP A 371 26.36 -3.18 -25.73
N GLN A 372 25.46 -3.31 -24.75
CA GLN A 372 24.31 -2.41 -24.57
C GLN A 372 24.49 -1.37 -23.45
N GLN A 373 25.73 -1.11 -22.99
CA GLN A 373 25.96 -0.17 -21.88
C GLN A 373 25.51 1.27 -22.14
N ALA A 374 25.54 1.73 -23.39
CA ALA A 374 25.10 3.09 -23.71
C ALA A 374 23.59 3.30 -23.47
N GLU A 375 22.81 2.19 -23.43
CA GLU A 375 21.36 2.20 -23.24
C GLU A 375 20.89 1.89 -21.82
N ARG A 376 21.79 1.90 -20.84
CA ARG A 376 21.43 1.65 -19.43
C ARG A 376 20.43 2.69 -18.91
N ASP A 377 19.55 2.28 -18.01
CA ASP A 377 18.58 3.16 -17.36
C ASP A 377 19.36 4.17 -16.53
N LEU A 378 19.13 5.47 -16.77
CA LEU A 378 19.83 6.57 -16.10
C LEU A 378 19.70 6.50 -14.58
N ARG A 379 18.45 6.37 -14.10
CA ARG A 379 18.11 6.28 -12.68
C ARG A 379 18.87 5.13 -11.97
N MET A 380 18.80 3.91 -12.54
CA MET A 380 19.46 2.70 -12.01
C MET A 380 20.98 2.87 -11.97
N LEU A 381 21.56 3.46 -13.02
CA LEU A 381 22.99 3.73 -13.10
C LEU A 381 23.39 4.78 -12.03
N THR A 382 22.56 5.83 -11.84
CA THR A 382 22.85 6.86 -10.81
C THR A 382 22.80 6.21 -9.40
N SER A 383 21.82 5.31 -9.18
CA SER A 383 21.65 4.60 -7.90
C SER A 383 22.84 3.71 -7.58
N ARG A 384 23.35 2.94 -8.60
CA ARG A 384 24.50 2.06 -8.43
C ARG A 384 25.75 2.87 -8.04
N LEU A 385 25.96 4.03 -8.68
CA LEU A 385 27.10 4.91 -8.36
C LEU A 385 26.95 5.49 -6.95
N ALA A 386 25.72 5.88 -6.56
CA ALA A 386 25.45 6.39 -5.20
C ALA A 386 25.76 5.31 -4.15
N SER A 387 25.41 4.05 -4.46
CA SER A 387 25.67 2.89 -3.60
C SER A 387 27.18 2.65 -3.46
N SER A 388 27.96 2.76 -4.56
CA SER A 388 29.42 2.59 -4.52
C SER A 388 30.04 3.66 -3.63
N SER A 389 29.52 4.88 -3.76
CA SER A 389 29.95 6.04 -2.98
C SER A 389 29.67 5.83 -1.48
N LEU A 390 28.46 5.36 -1.15
CA LEU A 390 28.07 5.12 0.24
C LEU A 390 28.95 4.04 0.93
N ASN A 391 29.22 2.96 0.19
CA ASN A 391 29.96 1.81 0.70
C ASN A 391 31.46 1.87 0.54
N ASN A 392 31.97 2.92 -0.15
CA ASN A 392 33.39 3.13 -0.48
C ASN A 392 33.95 1.88 -1.21
N THR A 393 33.18 1.41 -2.19
CA THR A 393 33.53 0.23 -2.98
C THR A 393 33.71 0.69 -4.42
N PRO A 394 34.67 0.13 -5.16
CA PRO A 394 34.88 0.57 -6.55
C PRO A 394 33.68 0.34 -7.44
N PHE A 395 33.33 1.36 -8.25
CA PHE A 395 32.21 1.27 -9.21
C PHE A 395 32.76 0.64 -10.49
N LEU A 396 32.54 -0.67 -10.65
CA LEU A 396 33.06 -1.45 -11.78
C LEU A 396 32.31 -1.15 -13.07
N SER A 397 33.03 -1.08 -14.19
CA SER A 397 32.40 -0.87 -15.49
C SER A 397 31.78 -2.19 -15.94
N PRO A 398 30.82 -2.20 -16.91
CA PRO A 398 30.34 -3.48 -17.47
C PRO A 398 31.48 -4.36 -17.98
N GLU A 399 32.51 -3.76 -18.61
CA GLU A 399 33.68 -4.49 -19.12
C GLU A 399 34.51 -5.13 -18.01
N GLU A 400 34.82 -4.38 -16.92
CA GLU A 400 35.54 -4.94 -15.77
C GLU A 400 34.74 -6.07 -15.12
N THR A 401 33.40 -5.87 -14.94
CA THR A 401 32.51 -6.87 -14.33
C THR A 401 32.57 -8.16 -15.15
N TYR A 402 32.49 -8.06 -16.48
CA TYR A 402 32.58 -9.19 -17.39
C TYR A 402 33.93 -9.94 -17.30
N GLN A 403 35.06 -9.20 -17.43
CA GLN A 403 36.43 -9.74 -17.37
C GLN A 403 36.72 -10.39 -15.99
N LEU A 404 36.35 -9.70 -14.88
CA LEU A 404 36.54 -10.21 -13.52
C LEU A 404 35.78 -11.51 -13.30
N SER A 405 34.51 -11.58 -13.77
CA SER A 405 33.66 -12.77 -13.65
C SER A 405 34.26 -13.93 -14.42
N LYS A 406 34.67 -13.72 -15.70
CA LYS A 406 35.30 -14.72 -16.55
C LYS A 406 36.56 -15.32 -15.90
N ARG A 407 37.33 -14.50 -15.20
CA ARG A 407 38.57 -14.93 -14.56
C ARG A 407 38.38 -15.44 -13.10
N LEU A 408 37.73 -14.67 -12.23
CA LEU A 408 37.59 -15.06 -10.82
C LEU A 408 36.60 -16.19 -10.57
N TRP A 409 35.55 -16.34 -11.40
CA TRP A 409 34.57 -17.41 -11.20
C TRP A 409 35.15 -18.81 -11.42
N GLN A 410 36.37 -18.94 -12.02
CA GLN A 410 36.98 -20.26 -12.19
C GLN A 410 37.49 -20.82 -10.84
N GLN A 411 37.55 -19.95 -9.80
CA GLN A 411 37.87 -20.34 -8.42
C GLN A 411 36.60 -20.85 -7.69
N ILE A 412 35.41 -20.68 -8.30
CA ILE A 412 34.14 -21.15 -7.73
C ILE A 412 33.85 -22.54 -8.26
N THR A 413 33.82 -23.53 -7.38
CA THR A 413 33.60 -24.92 -7.78
C THR A 413 32.39 -25.50 -7.05
N VAL A 414 31.98 -26.70 -7.46
CA VAL A 414 30.91 -27.46 -6.83
C VAL A 414 31.37 -27.77 -5.39
N GLN A 415 32.70 -27.98 -5.19
CA GLN A 415 33.30 -28.24 -3.88
C GLN A 415 33.38 -26.98 -3.01
N SER A 416 33.71 -25.82 -3.61
CA SER A 416 33.79 -24.56 -2.84
C SER A 416 32.39 -24.12 -2.36
N LEU A 417 31.39 -24.37 -3.20
CA LEU A 417 29.99 -24.07 -2.87
C LEU A 417 29.42 -25.05 -1.83
N ALA A 418 29.86 -26.32 -1.84
CA ALA A 418 29.41 -27.34 -0.89
C ALA A 418 29.91 -26.95 0.49
N GLU A 419 31.14 -26.39 0.55
CA GLU A 419 31.74 -25.89 1.79
C GLU A 419 30.94 -24.74 2.37
N LYS A 420 30.60 -23.75 1.50
CA LYS A 420 29.83 -22.56 1.86
C LYS A 420 28.40 -22.91 2.28
N TRP A 421 27.77 -23.89 1.58
CA TRP A 421 26.44 -24.37 1.92
C TRP A 421 26.44 -25.03 3.31
N GLN A 422 27.43 -25.90 3.59
CA GLN A 422 27.54 -26.54 4.89
C GLN A 422 27.73 -25.51 6.01
N GLN A 423 28.51 -24.45 5.75
CA GLN A 423 28.74 -23.37 6.73
C GLN A 423 27.46 -22.58 7.01
N LEU A 424 26.72 -22.27 5.95
CA LEU A 424 25.45 -21.52 6.05
C LEU A 424 24.44 -22.35 6.83
N ARG A 425 24.40 -23.64 6.59
CA ARG A 425 23.41 -24.53 7.25
C ARG A 425 23.77 -24.76 8.74
N LYS A 426 24.98 -24.51 9.17
CA LYS A 426 25.35 -24.67 10.59
C LYS A 426 25.19 -23.31 11.30
N ASN A 427 24.80 -22.26 10.59
CA ASN A 427 24.67 -20.91 11.16
C ASN A 427 23.49 -20.88 12.15
N GLN A 428 23.79 -20.60 13.39
CA GLN A 428 22.82 -20.54 14.51
C GLN A 428 21.93 -19.28 14.47
N ASP A 429 22.31 -18.26 13.68
CA ASP A 429 21.55 -17.04 13.58
C ASP A 429 20.53 -17.17 12.48
N ALA A 430 19.42 -17.77 12.87
CA ALA A 430 18.35 -18.11 11.91
C ALA A 430 16.93 -17.97 12.46
N PHE A 431 15.95 -17.85 11.57
CA PHE A 431 14.56 -17.83 11.97
C PHE A 431 13.63 -18.37 10.88
N TRP A 432 12.65 -19.14 11.30
CA TRP A 432 11.57 -19.68 10.44
C TRP A 432 10.43 -18.67 10.41
N GLU A 433 9.85 -18.46 9.27
CA GLU A 433 8.73 -17.54 9.18
C GLU A 433 7.63 -18.03 8.25
N GLN A 434 6.39 -17.92 8.70
CA GLN A 434 5.22 -18.25 7.91
C GLN A 434 4.35 -17.01 7.77
N MET A 435 3.72 -16.86 6.61
CA MET A 435 2.84 -15.73 6.32
C MET A 435 1.47 -16.29 6.01
N VAL A 436 0.44 -15.82 6.74
CA VAL A 436 -0.95 -16.26 6.63
C VAL A 436 -1.89 -15.05 6.45
N ASN A 437 -2.94 -15.20 5.63
CA ASN A 437 -3.87 -14.08 5.36
C ASN A 437 -5.34 -14.39 5.65
N ASN A 438 -5.63 -15.57 6.19
CA ASN A 438 -6.98 -16.01 6.57
C ASN A 438 -6.84 -17.02 7.70
N GLU A 439 -7.96 -17.35 8.36
CA GLU A 439 -7.93 -18.28 9.49
C GLU A 439 -7.81 -19.75 9.05
N VAL A 440 -8.02 -20.08 7.76
CA VAL A 440 -7.83 -21.46 7.27
C VAL A 440 -6.30 -21.70 7.18
N ALA A 441 -5.55 -20.77 6.53
CA ALA A 441 -4.08 -20.87 6.44
C ALA A 441 -3.44 -20.75 7.82
N ALA A 442 -4.03 -19.90 8.72
CA ALA A 442 -3.56 -19.67 10.10
C ALA A 442 -3.62 -20.94 10.92
N LYS A 443 -4.73 -21.72 10.75
CA LYS A 443 -4.96 -23.00 11.40
C LYS A 443 -4.03 -24.06 10.77
N LYS A 444 -3.68 -23.88 9.48
CA LYS A 444 -2.81 -24.80 8.73
C LYS A 444 -1.31 -24.55 8.94
N ALA A 445 -0.92 -23.36 9.44
CA ALA A 445 0.48 -23.01 9.70
C ALA A 445 1.13 -23.99 10.68
N LEU A 446 2.36 -24.40 10.39
CA LEU A 446 3.07 -25.36 11.24
C LEU A 446 3.60 -24.66 12.48
N SER A 447 3.45 -25.31 13.66
CA SER A 447 4.00 -24.79 14.91
C SER A 447 5.53 -25.14 14.90
N PRO A 448 6.38 -24.51 15.75
CA PRO A 448 7.83 -24.80 15.67
C PRO A 448 8.27 -26.27 15.82
N ALA A 449 7.54 -27.08 16.64
CA ALA A 449 7.91 -28.48 16.84
C ALA A 449 7.68 -29.29 15.56
N ALA A 450 6.59 -28.96 14.83
CA ALA A 450 6.21 -29.61 13.57
C ALA A 450 7.22 -29.29 12.48
N ILE A 451 7.72 -28.03 12.43
CA ILE A 451 8.72 -27.59 11.44
C ILE A 451 9.98 -28.42 11.61
N LEU A 452 10.46 -28.52 12.82
CA LEU A 452 11.72 -29.27 13.12
C LEU A 452 11.50 -30.77 13.00
N ALA A 453 10.32 -31.32 13.24
CA ALA A 453 10.09 -32.76 13.05
C ALA A 453 10.13 -33.07 11.55
N LEU A 454 9.67 -32.12 10.72
CA LEU A 454 9.68 -32.25 9.27
C LEU A 454 11.12 -32.16 8.77
N GLU A 455 11.94 -31.35 9.39
CA GLU A 455 13.37 -31.22 9.03
C GLU A 455 14.08 -32.52 9.38
N LYS A 456 13.84 -33.08 10.55
CA LYS A 456 14.47 -34.33 10.98
C LYS A 456 14.07 -35.49 10.04
N GLU A 457 12.78 -35.55 9.66
CA GLU A 457 12.22 -36.53 8.75
C GLU A 457 13.03 -36.51 7.43
N TYR A 458 13.19 -35.30 6.83
CA TYR A 458 13.94 -35.12 5.59
C TYR A 458 15.44 -35.36 5.74
N ALA A 459 16.04 -34.97 6.89
CA ALA A 459 17.47 -35.17 7.17
C ALA A 459 17.85 -36.65 7.24
N ASN A 460 16.93 -37.52 7.72
CA ASN A 460 17.12 -38.96 7.87
C ASN A 460 16.64 -39.78 6.66
N LYS A 461 16.17 -39.10 5.60
CA LYS A 461 15.75 -39.73 4.34
C LYS A 461 16.97 -39.84 3.44
N LYS A 462 17.03 -40.91 2.63
CA LYS A 462 18.10 -41.10 1.63
C LYS A 462 17.51 -40.52 0.34
N LEU A 463 17.57 -39.18 0.20
CA LEU A 463 17.02 -38.44 -0.94
C LEU A 463 17.93 -38.58 -2.16
N ALA A 464 17.31 -38.60 -3.36
CA ALA A 464 18.01 -38.75 -4.64
C ALA A 464 18.61 -37.44 -5.15
N ALA A 465 19.78 -37.56 -5.82
CA ALA A 465 20.50 -36.44 -6.40
C ALA A 465 19.71 -35.85 -7.55
N TYR A 466 19.66 -34.52 -7.61
CA TYR A 466 18.94 -33.85 -8.68
C TYR A 466 19.76 -33.91 -9.97
N VAL A 467 19.10 -34.17 -11.10
CA VAL A 467 19.77 -34.21 -12.39
C VAL A 467 19.34 -33.03 -13.26
N PHE A 468 20.31 -32.21 -13.66
CA PHE A 468 20.11 -31.05 -14.54
C PHE A 468 19.60 -31.53 -15.91
N PRO A 469 18.48 -30.99 -16.44
CA PRO A 469 17.96 -31.46 -17.73
C PRO A 469 18.78 -30.99 -18.94
N ALA B 1 -45.24 0.85 3.17
CA ALA B 1 -45.21 1.91 4.19
C ALA B 1 -43.79 2.14 4.71
N ALA B 2 -43.48 3.40 5.10
CA ALA B 2 -42.18 3.87 5.61
C ALA B 2 -41.75 3.16 6.89
N LEU B 3 -40.50 2.67 6.92
CA LEU B 3 -39.95 1.93 8.06
C LEU B 3 -39.49 2.84 9.19
N PRO B 4 -39.76 2.46 10.47
CA PRO B 4 -39.27 3.29 11.58
C PRO B 4 -37.79 3.04 11.86
N GLN B 5 -37.10 4.06 12.41
CA GLN B 5 -35.71 3.92 12.81
C GLN B 5 -35.67 3.31 14.23
N ASP B 6 -34.48 2.89 14.71
CA ASP B 6 -34.27 2.29 16.04
C ASP B 6 -34.79 3.27 17.08
N GLU B 7 -35.69 2.82 17.97
CA GLU B 7 -36.29 3.64 19.01
C GLU B 7 -35.25 4.26 19.96
N LYS B 8 -34.04 3.64 20.11
CA LYS B 8 -32.97 4.17 20.96
C LYS B 8 -32.17 5.28 20.23
N LEU B 9 -32.33 5.42 18.89
CA LEU B 9 -31.63 6.44 18.13
C LEU B 9 -32.25 7.82 18.35
N ILE B 10 -31.42 8.81 18.70
CA ILE B 10 -31.87 10.17 18.91
C ILE B 10 -31.41 11.01 17.71
N THR B 11 -32.36 11.58 16.98
CA THR B 11 -32.07 12.41 15.81
C THR B 11 -32.73 13.76 15.97
N GLY B 12 -32.16 14.77 15.34
CA GLY B 12 -32.66 16.12 15.40
C GLY B 12 -31.83 17.09 14.60
N GLN B 13 -32.18 18.38 14.70
CA GLN B 13 -31.52 19.43 13.96
C GLN B 13 -31.42 20.67 14.83
N LEU B 14 -30.23 21.32 14.84
CA LEU B 14 -30.05 22.59 15.52
C LEU B 14 -30.74 23.66 14.68
N ASP B 15 -31.01 24.83 15.28
CA ASP B 15 -31.66 25.96 14.60
C ASP B 15 -30.92 26.39 13.34
N ASN B 16 -29.58 26.25 13.34
CA ASN B 16 -28.73 26.57 12.19
C ASN B 16 -28.82 25.53 11.03
N GLY B 17 -29.43 24.38 11.29
CA GLY B 17 -29.60 23.34 10.26
C GLY B 17 -28.70 22.14 10.43
N LEU B 18 -27.76 22.16 11.41
CA LEU B 18 -26.88 21.04 11.67
C LEU B 18 -27.71 19.87 12.21
N ARG B 19 -27.64 18.72 11.52
CA ARG B 19 -28.38 17.52 11.91
C ARG B 19 -27.50 16.71 12.88
N TYR B 20 -28.13 15.95 13.78
CA TYR B 20 -27.34 15.11 14.67
C TYR B 20 -28.00 13.75 14.88
N MET B 21 -27.19 12.75 15.27
CA MET B 21 -27.59 11.37 15.50
C MET B 21 -26.83 10.84 16.70
N ILE B 22 -27.57 10.38 17.71
CA ILE B 22 -26.99 9.85 18.94
C ILE B 22 -27.47 8.42 19.20
N TYR B 23 -26.49 7.52 19.35
CA TYR B 23 -26.79 6.13 19.62
C TYR B 23 -26.02 5.63 20.85
N PRO B 24 -26.74 5.18 21.93
CA PRO B 24 -26.03 4.69 23.12
C PRO B 24 -25.44 3.30 22.89
N HIS B 25 -24.22 3.07 23.42
CA HIS B 25 -23.51 1.80 23.31
C HIS B 25 -22.47 1.69 24.42
N ALA B 26 -22.39 0.54 25.10
CA ALA B 26 -21.44 0.37 26.22
C ALA B 26 -20.38 -0.72 25.98
N HIS B 27 -20.19 -1.09 24.72
CA HIS B 27 -19.15 -2.08 24.36
C HIS B 27 -18.23 -1.44 23.33
N PRO B 28 -17.00 -1.03 23.70
CA PRO B 28 -16.36 -0.91 25.03
C PRO B 28 -16.94 0.21 25.90
N LYS B 29 -16.88 0.03 27.21
CA LYS B 29 -17.42 1.03 28.19
C LYS B 29 -16.56 2.29 28.23
N ASP B 30 -17.21 3.40 28.56
CA ASP B 30 -16.64 4.75 28.71
C ASP B 30 -15.91 5.26 27.46
N GLN B 31 -16.23 4.68 26.30
CA GLN B 31 -15.67 5.08 25.01
C GLN B 31 -16.78 5.72 24.17
N VAL B 32 -16.42 6.69 23.30
CA VAL B 32 -17.36 7.37 22.40
C VAL B 32 -16.71 7.74 21.06
N ASN B 33 -17.48 7.56 19.98
CA ASN B 33 -17.14 7.92 18.61
C ASN B 33 -17.90 9.18 18.27
N LEU B 34 -17.16 10.24 17.89
CA LEU B 34 -17.72 11.51 17.47
C LEU B 34 -17.30 11.70 16.02
N TRP B 35 -18.27 11.75 15.12
CA TRP B 35 -17.97 11.87 13.71
C TRP B 35 -18.71 13.04 13.11
N LEU B 36 -17.99 13.89 12.37
CA LEU B 36 -18.55 15.00 11.63
C LEU B 36 -18.57 14.59 10.16
N GLN B 37 -19.79 14.41 9.63
CA GLN B 37 -20.04 13.98 8.28
C GLN B 37 -20.54 15.13 7.41
N ILE B 38 -19.76 15.47 6.38
CA ILE B 38 -20.08 16.50 5.39
C ILE B 38 -20.67 15.71 4.24
N HIS B 39 -21.89 16.04 3.81
CA HIS B 39 -22.59 15.32 2.74
C HIS B 39 -22.08 15.69 1.34
N THR B 40 -20.77 15.97 1.24
CA THR B 40 -20.11 16.34 -0.01
C THR B 40 -18.72 15.72 -0.07
N GLY B 41 -18.45 15.08 -1.21
CA GLY B 41 -17.17 14.46 -1.57
C GLY B 41 -16.67 14.96 -2.91
N SER B 42 -15.89 14.12 -3.61
CA SER B 42 -15.29 14.49 -4.88
C SER B 42 -16.29 14.70 -6.04
N LEU B 43 -17.49 14.12 -5.98
CA LEU B 43 -18.48 14.26 -7.07
C LEU B 43 -18.83 15.70 -7.38
N GLN B 44 -18.94 16.52 -6.33
CA GLN B 44 -19.32 17.93 -6.45
C GLN B 44 -18.22 18.84 -6.96
N GLU B 45 -17.01 18.31 -7.18
CA GLU B 45 -15.91 19.13 -7.70
C GLU B 45 -16.17 19.63 -9.12
N GLU B 46 -15.74 20.86 -9.39
CA GLU B 46 -15.83 21.45 -10.71
C GLU B 46 -14.63 20.91 -11.50
N ASP B 47 -14.57 21.17 -12.83
CA ASP B 47 -13.49 20.71 -13.70
C ASP B 47 -12.11 21.23 -13.28
N ASN B 48 -12.07 22.40 -12.65
CA ASN B 48 -10.83 23.02 -12.16
C ASN B 48 -10.62 22.75 -10.65
N GLU B 49 -11.39 21.80 -10.07
CA GLU B 49 -11.31 21.45 -8.63
C GLU B 49 -10.99 19.98 -8.36
N LEU B 50 -10.37 19.26 -9.33
CA LEU B 50 -10.13 17.82 -9.20
C LEU B 50 -9.10 17.45 -8.12
N GLY B 51 -9.61 16.95 -7.00
CA GLY B 51 -8.82 16.57 -5.83
C GLY B 51 -8.90 17.58 -4.70
N VAL B 52 -9.68 18.67 -4.89
CA VAL B 52 -9.86 19.75 -3.92
C VAL B 52 -10.60 19.26 -2.66
N ALA B 53 -11.69 18.45 -2.78
CA ALA B 53 -12.40 17.93 -1.58
C ALA B 53 -11.45 17.25 -0.59
N HIS B 54 -10.53 16.42 -1.12
CA HIS B 54 -9.53 15.66 -0.36
C HIS B 54 -8.43 16.56 0.20
N PHE B 55 -8.02 17.61 -0.54
CA PHE B 55 -7.02 18.59 -0.11
C PHE B 55 -7.60 19.38 1.07
N VAL B 56 -8.87 19.85 0.96
CA VAL B 56 -9.61 20.54 2.04
C VAL B 56 -9.62 19.66 3.33
N GLU B 57 -9.89 18.34 3.18
CA GLU B 57 -9.91 17.37 4.29
C GLU B 57 -8.57 17.34 5.05
N HIS B 58 -7.46 17.25 4.33
CA HIS B 58 -6.12 17.28 4.92
C HIS B 58 -5.84 18.64 5.61
N MET B 59 -6.35 19.74 5.02
CA MET B 59 -6.16 21.10 5.53
C MET B 59 -6.83 21.36 6.90
N MET B 60 -7.79 20.50 7.31
CA MET B 60 -8.43 20.59 8.63
C MET B 60 -7.43 20.33 9.73
N PHE B 61 -6.41 19.51 9.46
CA PHE B 61 -5.36 19.17 10.43
C PHE B 61 -4.18 20.15 10.38
N ASN B 62 -4.29 21.21 9.57
CA ASN B 62 -3.18 22.14 9.39
C ASN B 62 -3.52 23.62 9.62
N GLY B 63 -4.39 23.86 10.61
CA GLY B 63 -4.74 25.21 11.03
C GLY B 63 -6.19 25.65 11.06
N THR B 64 -6.64 26.11 12.23
CA THR B 64 -7.95 26.73 12.47
C THR B 64 -7.65 28.08 13.15
N LYS B 65 -8.68 28.92 13.36
CA LYS B 65 -8.59 30.23 14.01
C LYS B 65 -7.87 30.13 15.38
N THR B 66 -8.38 29.27 16.27
CA THR B 66 -7.83 29.09 17.62
C THR B 66 -6.59 28.23 17.59
N TRP B 67 -6.51 27.29 16.65
CA TRP B 67 -5.39 26.36 16.54
C TRP B 67 -4.63 26.49 15.21
N PRO B 68 -3.81 27.57 15.03
CA PRO B 68 -3.07 27.72 13.76
C PRO B 68 -1.95 26.70 13.64
N GLY B 69 -1.56 26.41 12.41
CA GLY B 69 -0.48 25.47 12.09
C GLY B 69 -0.70 24.05 12.59
N ASN B 70 0.29 23.51 13.32
CA ASN B 70 0.25 22.16 13.89
C ASN B 70 -0.47 22.08 15.26
N LYS B 71 -1.05 23.22 15.74
CA LYS B 71 -1.74 23.26 17.05
C LYS B 71 -2.93 22.31 17.17
N VAL B 72 -3.65 21.99 16.07
CA VAL B 72 -4.79 21.05 16.08
C VAL B 72 -4.31 19.68 16.59
N ILE B 73 -3.26 19.12 15.94
CA ILE B 73 -2.63 17.84 16.27
C ILE B 73 -2.04 17.89 17.68
N GLU B 74 -1.38 19.01 18.04
CA GLU B 74 -0.74 19.22 19.33
C GLU B 74 -1.75 19.38 20.47
N THR B 75 -2.98 19.86 20.17
CA THR B 75 -4.05 19.96 21.16
C THR B 75 -4.61 18.57 21.40
N PHE B 76 -4.79 17.76 20.33
CA PHE B 76 -5.26 16.37 20.46
C PHE B 76 -4.21 15.55 21.23
N GLU B 77 -2.90 15.76 20.91
CA GLU B 77 -1.75 15.10 21.57
C GLU B 77 -1.78 15.34 23.08
N SER B 78 -1.98 16.61 23.51
CA SER B 78 -2.05 17.02 24.92
C SER B 78 -3.20 16.35 25.69
N MET B 79 -4.23 15.87 24.96
CA MET B 79 -5.38 15.15 25.50
C MET B 79 -5.19 13.63 25.39
N GLY B 80 -4.01 13.20 24.95
CA GLY B 80 -3.66 11.79 24.77
C GLY B 80 -4.29 11.13 23.57
N LEU B 81 -4.71 11.94 22.57
CA LEU B 81 -5.34 11.44 21.35
C LEU B 81 -4.39 11.58 20.16
N ARG B 82 -4.05 10.44 19.53
CA ARG B 82 -3.10 10.37 18.43
C ARG B 82 -3.72 10.29 17.06
N PHE B 83 -3.14 11.05 16.11
CA PHE B 83 -3.57 11.06 14.70
C PHE B 83 -3.29 9.68 14.09
N GLY B 84 -4.27 9.16 13.37
CA GLY B 84 -4.22 7.86 12.71
C GLY B 84 -4.79 6.71 13.51
N ARG B 85 -4.77 6.82 14.84
CA ARG B 85 -5.32 5.81 15.76
C ARG B 85 -6.67 6.29 16.31
N ASP B 86 -6.66 7.44 17.03
CA ASP B 86 -7.83 8.03 17.69
C ASP B 86 -8.51 9.14 16.86
N VAL B 87 -7.74 9.83 16.00
CA VAL B 87 -8.23 10.92 15.15
C VAL B 87 -7.92 10.58 13.70
N ASN B 88 -8.96 10.52 12.87
CA ASN B 88 -8.87 10.21 11.46
C ASN B 88 -9.88 11.02 10.66
N ALA B 89 -9.78 10.91 9.33
CA ALA B 89 -10.65 11.54 8.35
C ALA B 89 -10.53 10.82 7.03
N TYR B 90 -11.58 10.92 6.20
CA TYR B 90 -11.61 10.37 4.86
C TYR B 90 -12.47 11.20 3.94
N THR B 91 -12.15 11.16 2.64
CA THR B 91 -12.87 11.79 1.55
C THR B 91 -13.23 10.69 0.55
N SER B 92 -14.51 10.55 0.25
CA SER B 92 -14.94 9.58 -0.74
C SER B 92 -15.66 10.37 -1.86
N TYR B 93 -16.39 9.68 -2.73
CA TYR B 93 -17.15 10.34 -3.81
C TYR B 93 -18.31 11.15 -3.24
N ASP B 94 -18.95 10.60 -2.21
CA ASP B 94 -20.19 11.03 -1.57
C ASP B 94 -20.07 11.88 -0.31
N GLU B 95 -18.93 11.80 0.38
CA GLU B 95 -18.80 12.49 1.65
C GLU B 95 -17.36 12.76 2.07
N THR B 96 -17.23 13.60 3.10
CA THR B 96 -16.02 13.90 3.84
C THR B 96 -16.38 13.66 5.31
N VAL B 97 -15.62 12.81 6.01
CA VAL B 97 -15.92 12.45 7.40
C VAL B 97 -14.70 12.63 8.29
N TYR B 98 -14.89 13.30 9.44
CA TYR B 98 -13.86 13.59 10.45
C TYR B 98 -14.22 12.78 11.67
N GLN B 99 -13.27 11.95 12.12
CA GLN B 99 -13.51 10.97 13.18
C GLN B 99 -12.62 11.09 14.39
N VAL B 100 -13.24 11.20 15.57
CA VAL B 100 -12.52 11.22 16.84
C VAL B 100 -13.13 10.13 17.74
N SER B 101 -12.27 9.27 18.30
CA SER B 101 -12.65 8.24 19.29
C SER B 101 -11.92 8.58 20.59
N LEU B 102 -12.67 8.78 21.70
CA LEU B 102 -12.10 9.21 22.98
C LEU B 102 -12.87 8.75 24.25
N PRO B 103 -12.23 8.74 25.45
CA PRO B 103 -12.97 8.37 26.67
C PRO B 103 -13.98 9.44 27.10
N THR B 104 -15.09 8.99 27.69
CA THR B 104 -16.19 9.84 28.17
C THR B 104 -15.94 10.39 29.59
N THR B 105 -14.90 9.86 30.28
CA THR B 105 -14.54 10.18 31.68
C THR B 105 -14.05 11.62 31.88
N GLN B 106 -13.26 12.19 30.93
CA GLN B 106 -12.78 13.57 31.06
C GLN B 106 -13.69 14.52 30.26
N LYS B 107 -14.41 15.37 30.98
CA LYS B 107 -15.44 16.28 30.44
C LYS B 107 -14.88 17.50 29.73
N GLN B 108 -13.78 18.10 30.23
CA GLN B 108 -13.10 19.24 29.63
C GLN B 108 -12.45 18.82 28.30
N ASN B 109 -12.07 17.53 28.20
CA ASN B 109 -11.51 16.93 27.00
C ASN B 109 -12.59 16.74 25.93
N LEU B 110 -13.83 16.33 26.32
CA LEU B 110 -14.95 16.20 25.39
C LEU B 110 -15.30 17.59 24.89
N GLN B 111 -15.29 18.58 25.80
CA GLN B 111 -15.54 19.99 25.53
C GLN B 111 -14.52 20.56 24.50
N GLN B 112 -13.24 20.22 24.64
CA GLN B 112 -12.19 20.69 23.70
C GLN B 112 -12.36 20.03 22.33
N VAL B 113 -12.50 18.73 22.28
CA VAL B 113 -12.71 17.99 21.03
C VAL B 113 -13.89 18.61 20.26
N MET B 114 -14.98 18.99 20.98
CA MET B 114 -16.17 19.61 20.39
C MET B 114 -15.86 20.99 19.85
N ALA B 115 -14.96 21.73 20.54
CA ALA B 115 -14.54 23.06 20.11
C ALA B 115 -13.70 22.94 18.81
N ILE B 116 -12.91 21.85 18.68
CA ILE B 116 -12.10 21.56 17.49
C ILE B 116 -13.06 21.26 16.34
N PHE B 117 -14.07 20.40 16.59
CA PHE B 117 -15.09 20.03 15.58
C PHE B 117 -15.79 21.26 15.04
N SER B 118 -16.08 22.23 15.93
CA SER B 118 -16.72 23.51 15.67
C SER B 118 -15.88 24.35 14.70
N GLU B 119 -14.55 24.34 14.90
CA GLU B 119 -13.59 25.07 14.10
C GLU B 119 -13.35 24.39 12.77
N TRP B 120 -13.43 23.05 12.71
CA TRP B 120 -13.33 22.32 11.45
C TRP B 120 -14.53 22.70 10.56
N SER B 121 -15.69 22.97 11.19
CA SER B 121 -16.94 23.34 10.53
C SER B 121 -16.89 24.67 9.78
N ASN B 122 -16.28 25.73 10.36
CA ASN B 122 -16.26 27.03 9.67
C ASN B 122 -15.04 27.94 9.99
N ALA B 123 -14.06 27.47 10.78
CA ALA B 123 -12.91 28.31 11.17
C ALA B 123 -11.53 27.88 10.60
N ALA B 124 -11.48 26.97 9.60
CA ALA B 124 -10.21 26.58 8.96
C ALA B 124 -9.65 27.81 8.29
N THR B 125 -8.32 28.00 8.38
CA THR B 125 -7.60 29.20 7.94
C THR B 125 -6.92 29.12 6.56
N PHE B 126 -6.54 27.90 6.10
CA PHE B 126 -5.86 27.69 4.80
C PHE B 126 -4.64 28.62 4.63
N GLU B 127 -3.79 28.75 5.68
CA GLU B 127 -2.59 29.58 5.65
C GLU B 127 -1.68 29.12 4.48
N LYS B 128 -1.15 30.08 3.67
CA LYS B 128 -0.32 29.78 2.50
C LYS B 128 0.83 28.80 2.81
N LEU B 129 1.55 29.09 3.90
CA LEU B 129 2.67 28.32 4.44
C LEU B 129 2.25 26.84 4.69
N GLU B 130 1.01 26.62 5.19
CA GLU B 130 0.46 25.30 5.47
C GLU B 130 0.00 24.57 4.21
N VAL B 131 -0.70 25.28 3.30
CA VAL B 131 -1.15 24.77 1.99
C VAL B 131 0.07 24.28 1.17
N ASP B 132 1.17 25.05 1.16
CA ASP B 132 2.41 24.74 0.45
C ASP B 132 3.11 23.47 0.97
N ALA B 133 3.19 23.33 2.31
CA ALA B 133 3.79 22.17 2.98
C ALA B 133 2.93 20.92 2.74
N GLU B 134 1.60 21.06 2.67
CA GLU B 134 0.64 19.97 2.47
C GLU B 134 0.69 19.35 1.07
N ARG B 135 1.19 20.09 0.05
CA ARG B 135 1.31 19.60 -1.34
C ARG B 135 2.17 18.33 -1.40
N GLY B 136 3.23 18.30 -0.60
CA GLY B 136 4.16 17.18 -0.48
C GLY B 136 3.49 15.90 -0.04
N VAL B 137 2.63 15.99 1.01
CA VAL B 137 1.83 14.92 1.62
C VAL B 137 0.94 14.27 0.58
N ILE B 138 0.08 15.08 -0.09
CA ILE B 138 -0.83 14.60 -1.11
C ILE B 138 -0.06 14.00 -2.33
N THR B 139 1.11 14.58 -2.68
CA THR B 139 1.95 14.05 -3.76
C THR B 139 2.42 12.61 -3.43
N GLU B 140 2.86 12.38 -2.16
CA GLU B 140 3.29 11.08 -1.67
C GLU B 140 2.16 10.06 -1.71
N GLU B 141 0.95 10.45 -1.27
CA GLU B 141 -0.23 9.58 -1.27
C GLU B 141 -0.67 9.12 -2.65
N TRP B 142 -0.63 10.02 -3.65
CA TRP B 142 -1.01 9.68 -5.02
C TRP B 142 -0.02 8.68 -5.61
N ARG B 143 1.27 8.86 -5.28
CA ARG B 143 2.32 7.96 -5.73
C ARG B 143 2.26 6.64 -4.96
N ALA B 144 1.70 6.65 -3.72
CA ALA B 144 1.58 5.48 -2.84
C ALA B 144 0.63 4.38 -3.35
N HIS B 145 -0.34 4.72 -4.24
CA HIS B 145 -1.24 3.70 -4.79
C HIS B 145 -0.86 3.35 -6.24
N GLN B 146 0.11 2.44 -6.39
CA GLN B 146 0.57 1.96 -7.69
C GLN B 146 0.78 0.43 -7.62
N ASP B 147 0.16 -0.21 -6.59
CA ASP B 147 0.22 -1.66 -6.36
C ASP B 147 -0.76 -2.44 -7.22
N ALA B 148 -0.63 -3.78 -7.20
CA ALA B 148 -1.43 -4.74 -7.95
C ALA B 148 -2.94 -4.57 -7.82
N LYS B 149 -3.42 -4.24 -6.59
CA LYS B 149 -4.84 -4.03 -6.28
C LYS B 149 -5.37 -2.77 -6.95
N TRP B 150 -4.55 -1.70 -6.95
CA TRP B 150 -4.89 -0.42 -7.56
C TRP B 150 -4.92 -0.56 -9.08
N ARG B 151 -3.95 -1.29 -9.65
CA ARG B 151 -3.83 -1.56 -11.08
C ARG B 151 -5.02 -2.36 -11.59
N THR B 152 -5.46 -3.38 -10.81
CA THR B 152 -6.63 -4.21 -11.12
C THR B 152 -7.89 -3.35 -11.08
N SER B 153 -8.03 -2.54 -10.02
CA SER B 153 -9.15 -1.61 -9.83
C SER B 153 -9.23 -0.64 -11.01
N GLN B 154 -8.09 -0.08 -11.44
CA GLN B 154 -8.01 0.85 -12.57
C GLN B 154 -8.35 0.17 -13.90
N ALA B 155 -7.98 -1.10 -14.06
CA ALA B 155 -8.25 -1.89 -15.28
C ALA B 155 -9.74 -2.18 -15.43
N ARG B 156 -10.42 -2.45 -14.32
CA ARG B 156 -11.84 -2.76 -14.25
C ARG B 156 -12.69 -1.49 -14.32
N ARG B 157 -12.16 -0.37 -13.77
CA ARG B 157 -12.80 0.93 -13.64
C ARG B 157 -13.66 1.40 -14.84
N PRO B 158 -13.14 1.48 -16.09
CA PRO B 158 -13.99 1.96 -17.21
C PRO B 158 -15.21 1.07 -17.46
N PHE B 159 -15.09 -0.24 -17.19
CA PHE B 159 -16.17 -1.21 -17.35
C PHE B 159 -17.23 -1.03 -16.26
N LEU B 160 -16.75 -0.92 -15.02
CA LEU B 160 -17.58 -0.82 -13.83
C LEU B 160 -18.26 0.53 -13.67
N LEU B 161 -17.55 1.63 -13.97
CA LEU B 161 -18.06 2.97 -13.75
C LEU B 161 -18.56 3.70 -14.99
N ALA B 162 -18.83 2.99 -16.09
CA ALA B 162 -19.33 3.64 -17.31
C ALA B 162 -20.61 4.46 -17.03
N ASN B 163 -20.68 5.68 -17.59
CA ASN B 163 -21.82 6.62 -17.47
C ASN B 163 -22.18 7.05 -16.03
N THR B 164 -21.18 7.11 -15.16
CA THR B 164 -21.36 7.58 -13.79
C THR B 164 -20.57 8.87 -13.66
N ARG B 165 -20.94 9.72 -12.69
CA ARG B 165 -20.17 10.92 -12.42
C ARG B 165 -18.86 10.47 -11.72
N ASN B 166 -18.92 9.33 -10.98
CA ASN B 166 -17.78 8.71 -10.27
C ASN B 166 -16.58 8.44 -11.19
N LEU B 167 -16.85 8.12 -12.48
CA LEU B 167 -15.80 7.86 -13.47
C LEU B 167 -14.83 9.05 -13.60
N ASP B 168 -15.37 10.29 -13.62
CA ASP B 168 -14.56 11.51 -13.78
C ASP B 168 -14.13 12.18 -12.48
N ARG B 169 -14.43 11.56 -11.33
CA ARG B 169 -14.26 12.17 -10.01
C ARG B 169 -13.63 11.28 -8.93
N GLU B 170 -12.53 10.59 -9.24
CA GLU B 170 -11.79 9.79 -8.26
C GLU B 170 -11.30 10.77 -7.14
N PRO B 171 -11.50 10.47 -5.83
CA PRO B 171 -11.13 11.45 -4.78
C PRO B 171 -9.70 12.01 -4.79
N ILE B 172 -8.67 11.23 -5.17
CA ILE B 172 -7.29 11.74 -5.19
C ILE B 172 -7.09 12.93 -6.18
N GLY B 173 -7.93 12.98 -7.22
CA GLY B 173 -7.88 14.03 -8.23
C GLY B 173 -6.61 14.04 -9.07
N LEU B 174 -6.21 15.23 -9.53
CA LEU B 174 -5.02 15.45 -10.37
C LEU B 174 -3.88 16.07 -9.58
N MET B 175 -2.62 15.72 -9.93
CA MET B 175 -1.47 16.28 -9.21
C MET B 175 -1.14 17.71 -9.59
N ASP B 176 -1.68 18.18 -10.74
CA ASP B 176 -1.51 19.57 -11.19
C ASP B 176 -2.34 20.46 -10.25
N THR B 177 -3.52 19.95 -9.80
CA THR B 177 -4.37 20.63 -8.82
C THR B 177 -3.59 20.71 -7.49
N VAL B 178 -2.97 19.61 -7.07
CA VAL B 178 -2.16 19.56 -5.83
C VAL B 178 -1.03 20.59 -5.87
N ALA B 179 -0.26 20.61 -6.96
CA ALA B 179 0.87 21.52 -7.10
C ALA B 179 0.49 23.00 -7.25
N THR B 180 -0.70 23.30 -7.84
CA THR B 180 -1.08 24.68 -8.17
C THR B 180 -2.31 25.27 -7.43
N VAL B 181 -3.12 24.45 -6.71
CA VAL B 181 -4.30 24.96 -5.99
C VAL B 181 -3.88 26.06 -4.96
N THR B 182 -4.63 27.17 -4.97
CA THR B 182 -4.31 28.28 -4.07
C THR B 182 -5.13 28.20 -2.77
N PRO B 183 -4.67 28.84 -1.67
CA PRO B 183 -5.50 28.88 -0.45
C PRO B 183 -6.92 29.42 -0.70
N ALA B 184 -7.07 30.43 -1.61
CA ALA B 184 -8.35 31.03 -2.00
C ALA B 184 -9.31 30.05 -2.69
N GLN B 185 -8.78 29.16 -3.56
CA GLN B 185 -9.58 28.12 -4.23
C GLN B 185 -10.08 27.08 -3.22
N LEU B 186 -9.20 26.67 -2.29
CA LEU B 186 -9.57 25.71 -1.23
C LEU B 186 -10.62 26.32 -0.32
N ARG B 187 -10.48 27.62 -0.01
CA ARG B 187 -11.41 28.37 0.82
C ARG B 187 -12.80 28.46 0.18
N GLN B 188 -12.85 28.65 -1.15
CA GLN B 188 -14.12 28.72 -1.91
C GLN B 188 -14.89 27.39 -1.89
N PHE B 189 -14.20 26.24 -2.08
CA PHE B 189 -14.86 24.91 -2.00
C PHE B 189 -15.37 24.69 -0.57
N TYR B 190 -14.53 25.00 0.43
CA TYR B 190 -14.84 24.91 1.86
C TYR B 190 -16.09 25.72 2.23
N GLN B 191 -16.17 26.97 1.80
CA GLN B 191 -17.32 27.84 2.09
C GLN B 191 -18.60 27.42 1.37
N ARG B 192 -18.45 26.83 0.16
CA ARG B 192 -19.58 26.37 -0.64
C ARG B 192 -20.29 25.17 -0.01
N TRP B 193 -19.52 24.22 0.56
CA TRP B 193 -20.04 22.95 1.04
C TRP B 193 -20.02 22.77 2.55
N TYR B 194 -19.10 23.42 3.25
CA TYR B 194 -19.02 23.30 4.71
C TYR B 194 -19.97 24.26 5.41
N GLN B 195 -21.28 23.98 5.32
CA GLN B 195 -22.33 24.78 6.00
C GLN B 195 -23.20 23.81 6.81
N PRO B 196 -23.82 24.24 7.94
CA PRO B 196 -24.54 23.29 8.81
C PRO B 196 -25.61 22.41 8.19
N ASN B 197 -26.38 22.91 7.19
CA ASN B 197 -27.44 22.10 6.56
C ASN B 197 -26.85 20.94 5.71
N ASN B 198 -25.55 20.99 5.44
CA ASN B 198 -24.85 19.94 4.71
C ASN B 198 -24.03 19.04 5.66
N MET B 199 -24.25 19.15 7.00
CA MET B 199 -23.49 18.38 8.00
C MET B 199 -24.35 17.54 8.92
N THR B 200 -23.81 16.39 9.35
CA THR B 200 -24.39 15.52 10.37
C THR B 200 -23.32 15.25 11.43
N PHE B 201 -23.67 15.49 12.69
CA PHE B 201 -22.77 15.17 13.80
C PHE B 201 -23.28 13.85 14.43
N ILE B 202 -22.45 12.80 14.35
CA ILE B 202 -22.80 11.47 14.84
C ILE B 202 -22.05 11.15 16.14
N VAL B 203 -22.82 10.77 17.19
CA VAL B 203 -22.28 10.41 18.51
C VAL B 203 -22.72 8.96 18.79
N VAL B 204 -21.77 8.01 18.84
CA VAL B 204 -22.06 6.60 19.14
C VAL B 204 -21.13 6.19 20.27
N GLY B 205 -21.70 5.87 21.43
CA GLY B 205 -20.87 5.48 22.56
C GLY B 205 -21.51 5.56 23.92
N ASP B 206 -20.69 5.36 24.95
CA ASP B 206 -21.10 5.29 26.35
C ASP B 206 -21.25 6.65 26.99
N ILE B 207 -22.27 7.37 26.54
CA ILE B 207 -22.62 8.71 27.00
C ILE B 207 -24.15 8.75 27.18
N ASP B 208 -24.66 9.46 28.21
CA ASP B 208 -26.12 9.50 28.36
C ASP B 208 -26.70 10.54 27.43
N SER B 209 -27.98 10.38 27.06
CA SER B 209 -28.72 11.24 26.15
C SER B 209 -28.50 12.72 26.43
N LYS B 210 -28.71 13.15 27.68
CA LYS B 210 -28.57 14.54 28.12
C LYS B 210 -27.18 15.15 27.87
N GLU B 211 -26.11 14.49 28.31
CA GLU B 211 -24.74 14.96 28.16
C GLU B 211 -24.35 15.16 26.69
N ALA B 212 -24.64 14.14 25.85
CA ALA B 212 -24.36 14.15 24.40
C ALA B 212 -25.08 15.31 23.69
N LEU B 213 -26.38 15.51 24.00
CA LEU B 213 -27.20 16.57 23.42
C LEU B 213 -26.71 17.95 23.83
N ALA B 214 -26.24 18.07 25.09
CA ALA B 214 -25.70 19.33 25.62
C ALA B 214 -24.39 19.65 24.90
N LEU B 215 -23.52 18.64 24.69
CA LEU B 215 -22.23 18.79 24.00
C LEU B 215 -22.44 19.33 22.59
N ILE B 216 -23.47 18.81 21.88
CA ILE B 216 -23.82 19.26 20.52
C ILE B 216 -24.34 20.71 20.54
N LYS B 217 -25.42 20.98 21.32
CA LYS B 217 -26.04 22.31 21.40
C LYS B 217 -25.07 23.41 21.87
N ASP B 218 -24.28 23.16 22.93
CA ASP B 218 -23.37 24.15 23.49
C ASP B 218 -22.18 24.50 22.59
N ASN B 219 -21.81 23.62 21.66
CA ASN B 219 -20.65 23.87 20.80
C ASN B 219 -20.93 24.08 19.32
N LEU B 220 -22.01 23.50 18.79
CA LEU B 220 -22.31 23.59 17.35
C LEU B 220 -23.49 24.50 16.98
N SER B 221 -24.24 25.05 17.98
CA SER B 221 -25.35 25.97 17.72
C SER B 221 -24.83 27.34 17.22
N LYS B 222 -23.58 27.71 17.58
CA LYS B 222 -22.89 28.97 17.23
C LYS B 222 -22.63 29.18 15.73
N LEU B 223 -22.59 28.10 14.95
CA LEU B 223 -22.30 28.19 13.52
C LEU B 223 -23.42 28.96 12.79
N PRO B 224 -23.08 29.84 11.82
CA PRO B 224 -24.14 30.56 11.07
C PRO B 224 -25.09 29.61 10.34
N ALA B 225 -26.37 30.00 10.21
CA ALA B 225 -27.45 29.22 9.59
C ALA B 225 -27.52 29.30 8.05
N ASN B 226 -26.46 29.82 7.40
CA ASN B 226 -26.44 29.92 5.94
C ASN B 226 -26.45 28.51 5.30
N LYS B 227 -27.09 28.41 4.15
CA LYS B 227 -27.23 27.14 3.43
C LYS B 227 -26.07 26.89 2.51
N ALA B 228 -25.63 25.62 2.45
CA ALA B 228 -24.56 25.20 1.54
C ALA B 228 -25.17 25.18 0.15
N ALA B 229 -24.31 25.06 -0.90
CA ALA B 229 -24.82 24.91 -2.26
C ALA B 229 -25.53 23.54 -2.30
N GLU B 230 -26.50 23.38 -3.19
CA GLU B 230 -27.24 22.13 -3.30
C GLU B 230 -26.37 21.06 -3.96
N ASN B 231 -26.33 19.86 -3.37
CA ASN B 231 -25.57 18.75 -3.92
C ASN B 231 -26.24 18.29 -5.21
N ARG B 232 -25.50 18.36 -6.32
CA ARG B 232 -26.03 17.92 -7.61
C ARG B 232 -26.06 16.40 -7.66
N VAL B 233 -27.03 15.84 -8.39
CA VAL B 233 -27.19 14.40 -8.54
C VAL B 233 -27.11 14.08 -10.03
N TRP B 234 -26.22 13.14 -10.40
CA TRP B 234 -26.04 12.68 -11.77
C TRP B 234 -26.60 11.26 -11.90
N PRO B 235 -27.80 11.06 -12.51
CA PRO B 235 -28.34 9.69 -12.65
C PRO B 235 -27.48 8.88 -13.63
N THR B 236 -27.13 7.66 -13.20
CA THR B 236 -26.34 6.70 -13.95
C THR B 236 -27.19 6.18 -15.09
N LYS B 237 -26.65 6.24 -16.30
CA LYS B 237 -27.33 5.81 -17.50
C LYS B 237 -26.85 4.39 -17.82
N ALA B 238 -27.79 3.51 -18.18
CA ALA B 238 -27.45 2.13 -18.55
C ALA B 238 -26.56 2.10 -19.77
N GLU B 239 -25.60 1.18 -19.80
CA GLU B 239 -24.79 0.95 -20.99
C GLU B 239 -25.25 -0.39 -21.52
N ASN B 240 -26.18 -0.37 -22.48
CA ASN B 240 -26.79 -1.56 -23.07
C ASN B 240 -25.92 -2.20 -24.16
N HIS B 241 -24.72 -2.65 -23.73
CA HIS B 241 -23.70 -3.29 -24.56
C HIS B 241 -22.97 -4.29 -23.66
N LEU B 242 -22.70 -5.46 -24.19
CA LEU B 242 -21.95 -6.50 -23.48
C LEU B 242 -20.46 -6.26 -23.74
N ARG B 243 -19.67 -6.09 -22.72
CA ARG B 243 -18.24 -5.81 -22.85
C ARG B 243 -17.43 -7.00 -22.41
N PHE B 244 -16.16 -7.03 -22.78
CA PHE B 244 -15.23 -8.11 -22.45
C PHE B 244 -13.92 -7.54 -22.03
N ASN B 245 -13.32 -8.08 -20.98
CA ASN B 245 -12.02 -7.60 -20.50
C ASN B 245 -11.18 -8.73 -19.99
N ILE B 246 -9.86 -8.58 -20.16
CA ILE B 246 -8.85 -9.50 -19.64
C ILE B 246 -7.84 -8.67 -18.87
N ILE B 247 -7.69 -8.97 -17.58
CA ILE B 247 -6.75 -8.28 -16.69
C ILE B 247 -5.51 -9.16 -16.54
N ASN B 248 -4.42 -8.73 -17.17
CA ASN B 248 -3.13 -9.43 -17.12
C ASN B 248 -2.23 -8.69 -16.16
N ASP B 249 -2.01 -9.27 -14.97
CA ASP B 249 -1.17 -8.71 -13.93
C ASP B 249 -0.49 -9.84 -13.16
N LYS B 250 0.85 -9.94 -13.29
CA LYS B 250 1.70 -10.96 -12.65
C LYS B 250 1.65 -10.90 -11.12
N GLU B 251 1.29 -9.73 -10.57
CA GLU B 251 1.17 -9.50 -9.13
C GLU B 251 -0.24 -9.87 -8.57
N ASN B 252 -1.10 -10.51 -9.40
CA ASN B 252 -2.42 -10.98 -8.96
C ASN B 252 -2.30 -12.47 -8.62
N ARG B 253 -2.72 -12.85 -7.41
CA ARG B 253 -2.61 -14.21 -6.89
C ARG B 253 -3.58 -15.21 -7.55
N VAL B 254 -4.85 -14.80 -7.72
CA VAL B 254 -5.90 -15.67 -8.24
C VAL B 254 -6.27 -15.44 -9.72
N ASN B 255 -6.33 -16.54 -10.50
CA ASN B 255 -6.77 -16.56 -11.90
C ASN B 255 -8.25 -16.95 -11.88
N GLY B 256 -9.03 -16.40 -12.82
CA GLY B 256 -10.46 -16.72 -12.87
C GLY B 256 -11.27 -15.97 -13.89
N ILE B 257 -12.59 -16.17 -13.83
CA ILE B 257 -13.58 -15.57 -14.72
C ILE B 257 -14.76 -15.04 -13.91
N ALA B 258 -15.33 -13.92 -14.36
CA ALA B 258 -16.47 -13.29 -13.72
C ALA B 258 -17.43 -12.69 -14.73
N LEU B 259 -18.70 -12.72 -14.40
CA LEU B 259 -19.73 -12.00 -15.17
C LEU B 259 -20.27 -10.89 -14.27
N TYR B 260 -20.22 -9.65 -14.69
CA TYR B 260 -20.71 -8.50 -13.94
C TYR B 260 -21.95 -7.91 -14.58
N TYR B 261 -22.93 -7.57 -13.78
CA TYR B 261 -24.17 -6.91 -14.24
C TYR B 261 -24.26 -5.57 -13.52
N ARG B 262 -24.73 -4.53 -14.18
CA ARG B 262 -24.84 -3.22 -13.55
C ARG B 262 -26.32 -2.88 -13.53
N LEU B 263 -26.82 -2.46 -12.37
CA LEU B 263 -28.25 -2.22 -12.19
C LEU B 263 -28.53 -1.18 -11.12
N PRO B 264 -29.75 -0.57 -11.08
CA PRO B 264 -30.05 0.39 -10.00
C PRO B 264 -29.90 -0.19 -8.60
N MET B 265 -29.51 0.67 -7.66
CA MET B 265 -29.34 0.30 -6.26
C MET B 265 -30.65 0.52 -5.54
N VAL B 266 -30.98 -0.39 -4.62
CA VAL B 266 -32.20 -0.38 -3.82
C VAL B 266 -31.95 0.41 -2.51
N GLN B 267 -32.65 1.54 -2.32
CA GLN B 267 -32.57 2.31 -1.08
C GLN B 267 -33.71 1.80 -0.19
N VAL B 268 -33.38 1.13 0.93
CA VAL B 268 -34.37 0.51 1.84
C VAL B 268 -35.01 1.57 2.77
N ASN B 269 -36.23 2.00 2.43
CA ASN B 269 -36.97 2.98 3.21
C ASN B 269 -38.44 2.59 3.43
N ASP B 270 -38.89 1.49 2.80
CA ASP B 270 -40.25 0.98 2.94
C ASP B 270 -40.26 -0.57 2.89
N GLU B 271 -41.46 -1.18 2.99
CA GLU B 271 -41.62 -2.64 2.98
C GLU B 271 -41.21 -3.29 1.66
N GLN B 272 -41.68 -2.73 0.51
CA GLN B 272 -41.37 -3.23 -0.83
C GLN B 272 -39.86 -3.19 -1.11
N SER B 273 -39.20 -2.06 -0.74
CA SER B 273 -37.75 -1.90 -0.95
C SER B 273 -36.95 -2.81 -0.02
N PHE B 274 -37.49 -3.15 1.18
CA PHE B 274 -36.84 -4.10 2.10
C PHE B 274 -36.79 -5.48 1.43
N ILE B 275 -37.94 -5.93 0.88
CA ILE B 275 -38.12 -7.21 0.19
C ILE B 275 -37.21 -7.32 -1.04
N GLU B 276 -37.17 -6.26 -1.87
CA GLU B 276 -36.35 -6.18 -3.08
C GLU B 276 -34.85 -6.35 -2.79
N GLN B 277 -34.32 -5.69 -1.74
CA GLN B 277 -32.92 -5.80 -1.35
C GLN B 277 -32.63 -7.19 -0.83
N ALA B 278 -33.57 -7.74 -0.04
CA ALA B 278 -33.51 -9.08 0.53
C ALA B 278 -33.46 -10.12 -0.58
N GLU B 279 -34.20 -9.88 -1.68
CA GLU B 279 -34.25 -10.78 -2.84
C GLU B 279 -32.92 -10.81 -3.56
N TRP B 280 -32.31 -9.64 -3.87
CA TRP B 280 -30.98 -9.58 -4.50
C TRP B 280 -29.94 -10.24 -3.60
N SER B 281 -30.00 -9.96 -2.30
CA SER B 281 -29.13 -10.50 -1.26
C SER B 281 -29.24 -12.03 -1.18
N MET B 282 -30.48 -12.57 -1.20
CA MET B 282 -30.72 -14.01 -1.15
C MET B 282 -30.23 -14.72 -2.40
N LEU B 283 -30.45 -14.15 -3.59
CA LEU B 283 -29.97 -14.69 -4.86
C LEU B 283 -28.45 -14.83 -4.83
N VAL B 284 -27.74 -13.80 -4.31
CA VAL B 284 -26.28 -13.77 -4.16
C VAL B 284 -25.83 -14.89 -3.21
N GLN B 285 -26.55 -15.07 -2.08
CA GLN B 285 -26.21 -16.10 -1.11
C GLN B 285 -26.49 -17.50 -1.65
N LEU B 286 -27.64 -17.68 -2.33
CA LEU B 286 -28.05 -18.94 -2.95
C LEU B 286 -27.03 -19.42 -3.98
N PHE B 287 -26.42 -18.51 -4.75
CA PHE B 287 -25.37 -18.82 -5.74
C PHE B 287 -24.13 -19.34 -5.02
N ASN B 288 -23.71 -18.66 -3.93
CA ASN B 288 -22.56 -18.99 -3.08
C ASN B 288 -22.74 -20.34 -2.42
N GLN B 289 -23.94 -20.56 -1.83
CA GLN B 289 -24.33 -21.78 -1.16
C GLN B 289 -24.27 -22.97 -2.10
N ARG B 290 -24.75 -22.81 -3.35
CA ARG B 290 -24.73 -23.92 -4.30
C ARG B 290 -23.30 -24.26 -4.71
N LEU B 291 -22.47 -23.24 -4.93
CA LEU B 291 -21.06 -23.41 -5.28
C LEU B 291 -20.30 -24.13 -4.13
N GLN B 292 -20.57 -23.75 -2.86
CA GLN B 292 -19.96 -24.39 -1.68
C GLN B 292 -20.49 -25.82 -1.46
N GLU B 293 -21.79 -26.08 -1.73
CA GLU B 293 -22.42 -27.42 -1.60
C GLU B 293 -21.76 -28.44 -2.53
N ARG B 294 -21.42 -28.01 -3.78
CA ARG B 294 -20.78 -28.83 -4.81
C ARG B 294 -19.35 -29.21 -4.42
N ILE B 295 -18.57 -28.22 -3.93
CA ILE B 295 -17.19 -28.39 -3.47
C ILE B 295 -17.13 -29.33 -2.24
N GLN B 296 -18.18 -29.28 -1.38
CA GLN B 296 -18.31 -30.13 -0.19
C GLN B 296 -18.60 -31.57 -0.59
N SER B 297 -19.52 -31.77 -1.55
CA SER B 297 -19.96 -33.09 -2.04
C SER B 297 -18.89 -33.84 -2.84
N GLY B 298 -17.81 -33.14 -3.21
CA GLY B 298 -16.72 -33.72 -3.97
C GLY B 298 -16.62 -33.24 -5.41
N GLU B 299 -17.68 -32.56 -5.91
CA GLU B 299 -17.73 -32.02 -7.27
C GLU B 299 -16.83 -30.78 -7.35
N LEU B 300 -16.64 -30.24 -8.57
CA LEU B 300 -15.86 -29.03 -8.86
C LEU B 300 -14.41 -29.05 -8.30
N LYS B 301 -13.73 -30.20 -8.46
CA LYS B 301 -12.34 -30.40 -8.04
C LYS B 301 -11.38 -29.63 -8.96
N THR B 302 -11.85 -29.27 -10.17
CA THR B 302 -11.13 -28.57 -11.23
C THR B 302 -11.09 -27.03 -11.07
N ILE B 303 -11.70 -26.49 -9.99
CA ILE B 303 -11.74 -25.05 -9.67
C ILE B 303 -11.27 -24.80 -8.23
N SER B 304 -10.72 -23.60 -7.95
CA SER B 304 -10.21 -23.22 -6.62
C SER B 304 -11.31 -22.82 -5.65
N GLY B 305 -12.39 -22.27 -6.22
CA GLY B 305 -13.56 -21.81 -5.49
C GLY B 305 -14.29 -20.76 -6.31
N GLY B 306 -14.98 -19.87 -5.63
CA GLY B 306 -15.70 -18.79 -6.29
C GLY B 306 -16.66 -18.08 -5.37
N THR B 307 -17.24 -16.97 -5.85
CA THR B 307 -18.20 -16.16 -5.09
C THR B 307 -19.10 -15.30 -5.98
N ALA B 308 -20.18 -14.79 -5.38
CA ALA B 308 -21.13 -13.84 -5.94
C ALA B 308 -21.17 -12.73 -4.91
N ARG B 309 -21.25 -11.49 -5.37
CA ARG B 309 -21.24 -10.31 -4.50
C ARG B 309 -21.90 -9.15 -5.17
N SER B 310 -22.37 -8.23 -4.34
CA SER B 310 -22.97 -6.95 -4.70
C SER B 310 -21.96 -5.86 -4.31
N VAL B 311 -21.79 -4.84 -5.17
CA VAL B 311 -20.87 -3.71 -4.91
C VAL B 311 -21.51 -2.37 -5.32
N LYS B 312 -21.37 -1.34 -4.47
CA LYS B 312 -21.86 0.01 -4.80
C LYS B 312 -20.91 0.63 -5.84
N ILE B 313 -21.45 1.19 -6.93
CA ILE B 313 -20.59 1.79 -7.97
C ILE B 313 -20.86 3.31 -8.10
N ALA B 314 -22.02 3.75 -7.62
CA ALA B 314 -22.48 5.14 -7.68
C ALA B 314 -23.57 5.33 -6.62
N PRO B 315 -24.00 6.58 -6.29
CA PRO B 315 -25.05 6.75 -5.25
C PRO B 315 -26.38 6.03 -5.54
N ASP B 316 -26.71 5.85 -6.82
CA ASP B 316 -27.96 5.24 -7.29
C ASP B 316 -27.76 3.87 -7.96
N TYR B 317 -26.52 3.32 -7.97
CA TYR B 317 -26.24 2.11 -8.76
C TYR B 317 -25.32 1.12 -8.09
N GLN B 318 -25.44 -0.12 -8.53
CA GLN B 318 -24.65 -1.23 -8.01
C GLN B 318 -24.28 -2.17 -9.12
N SER B 319 -23.39 -3.10 -8.79
CA SER B 319 -23.03 -4.20 -9.66
C SER B 319 -23.15 -5.50 -8.89
N LEU B 320 -23.74 -6.51 -9.53
CA LEU B 320 -23.85 -7.87 -9.01
C LEU B 320 -22.96 -8.70 -9.93
N PHE B 321 -22.00 -9.42 -9.33
CA PHE B 321 -21.09 -10.23 -10.12
C PHE B 321 -21.02 -11.67 -9.64
N PHE B 322 -20.74 -12.59 -10.58
CA PHE B 322 -20.68 -14.03 -10.35
C PHE B 322 -19.32 -14.50 -10.84
N ARG B 323 -18.48 -14.98 -9.91
CA ARG B 323 -17.07 -15.32 -10.15
C ARG B 323 -16.69 -16.73 -9.81
N VAL B 324 -15.81 -17.32 -10.64
CA VAL B 324 -15.27 -18.63 -10.41
C VAL B 324 -13.73 -18.54 -10.48
N ASN B 325 -13.05 -18.95 -9.40
CA ASN B 325 -11.60 -18.97 -9.31
C ASN B 325 -11.01 -20.25 -9.88
N ALA B 326 -10.07 -20.10 -10.81
CA ALA B 326 -9.42 -21.20 -11.51
C ALA B 326 -8.33 -21.89 -10.70
N ARG B 327 -8.17 -23.21 -10.94
CA ARG B 327 -7.09 -24.02 -10.38
C ARG B 327 -5.95 -23.82 -11.38
N ASP B 328 -4.85 -23.21 -10.91
CA ASP B 328 -3.64 -22.88 -11.69
C ASP B 328 -3.96 -21.94 -12.85
N ASP B 329 -3.85 -22.47 -14.08
CA ASP B 329 -4.07 -21.75 -15.34
C ASP B 329 -5.22 -22.37 -16.13
N ASN B 330 -6.04 -23.21 -15.47
CA ASN B 330 -7.18 -23.87 -16.10
C ASN B 330 -8.37 -22.93 -16.22
N MET B 331 -8.27 -22.02 -17.18
CA MET B 331 -9.30 -21.02 -17.47
C MET B 331 -10.57 -21.66 -18.03
N GLN B 332 -10.42 -22.72 -18.86
CA GLN B 332 -11.51 -23.47 -19.49
C GLN B 332 -12.42 -24.11 -18.45
N ASP B 333 -11.85 -24.83 -17.46
CA ASP B 333 -12.62 -25.46 -16.39
C ASP B 333 -13.31 -24.44 -15.50
N ALA B 334 -12.73 -23.23 -15.35
CA ALA B 334 -13.33 -22.16 -14.57
C ALA B 334 -14.54 -21.59 -15.33
N ALA B 335 -14.39 -21.39 -16.66
CA ALA B 335 -15.45 -20.86 -17.52
C ALA B 335 -16.62 -21.85 -17.58
N ASN B 336 -16.32 -23.16 -17.70
CA ASN B 336 -17.29 -24.25 -17.69
C ASN B 336 -18.12 -24.30 -16.37
N ALA B 337 -17.44 -24.26 -15.20
CA ALA B 337 -18.10 -24.29 -13.89
C ALA B 337 -19.01 -23.09 -13.68
N LEU B 338 -18.57 -21.88 -14.08
CA LEU B 338 -19.38 -20.67 -13.97
C LEU B 338 -20.59 -20.70 -14.90
N MET B 339 -20.35 -21.01 -16.19
CA MET B 339 -21.38 -21.08 -17.23
C MET B 339 -22.45 -22.13 -16.88
N ALA B 340 -22.03 -23.33 -16.38
CA ALA B 340 -22.94 -24.43 -15.98
C ALA B 340 -23.84 -23.99 -14.83
N GLU B 341 -23.28 -23.33 -13.81
CA GLU B 341 -24.05 -22.82 -12.67
C GLU B 341 -25.12 -21.80 -13.08
N LEU B 342 -24.75 -20.82 -13.91
CA LEU B 342 -25.66 -19.79 -14.40
C LEU B 342 -26.79 -20.38 -15.26
N ALA B 343 -26.46 -21.36 -16.13
CA ALA B 343 -27.43 -22.05 -16.97
C ALA B 343 -28.37 -22.94 -16.15
N THR B 344 -27.84 -23.64 -15.11
CA THR B 344 -28.66 -24.49 -14.22
C THR B 344 -29.69 -23.62 -13.48
N ILE B 345 -29.29 -22.42 -13.01
CA ILE B 345 -30.21 -21.49 -12.33
C ILE B 345 -31.23 -20.93 -13.35
N ASP B 346 -30.82 -20.72 -14.62
CA ASP B 346 -31.73 -20.24 -15.68
C ASP B 346 -32.84 -21.27 -15.91
N GLN B 347 -32.48 -22.57 -15.92
CA GLN B 347 -33.40 -23.67 -16.21
C GLN B 347 -34.25 -24.14 -15.04
N HIS B 348 -33.69 -24.18 -13.81
CA HIS B 348 -34.46 -24.75 -12.68
C HIS B 348 -34.59 -23.84 -11.44
N GLY B 349 -33.89 -22.71 -11.40
CA GLY B 349 -33.94 -21.79 -10.28
C GLY B 349 -33.37 -22.39 -9.00
N PHE B 350 -34.02 -22.09 -7.86
CA PHE B 350 -33.62 -22.62 -6.56
C PHE B 350 -34.74 -23.41 -5.93
N SER B 351 -34.39 -24.50 -5.20
CA SER B 351 -35.36 -25.38 -4.56
C SER B 351 -35.93 -24.77 -3.28
N ALA B 352 -37.13 -25.23 -2.89
CA ALA B 352 -37.82 -24.82 -1.66
C ALA B 352 -36.94 -25.08 -0.42
N GLU B 353 -36.21 -26.21 -0.41
CA GLU B 353 -35.27 -26.60 0.65
C GLU B 353 -34.10 -25.63 0.74
N GLU B 354 -33.51 -25.27 -0.43
CA GLU B 354 -32.40 -24.32 -0.54
C GLU B 354 -32.78 -22.94 0.00
N LEU B 355 -34.00 -22.47 -0.35
CA LEU B 355 -34.49 -21.17 0.11
C LEU B 355 -34.73 -21.21 1.62
N ASP B 356 -35.30 -22.32 2.13
CA ASP B 356 -35.50 -22.51 3.57
C ASP B 356 -34.14 -22.52 4.30
N ASP B 357 -33.12 -23.18 3.71
CA ASP B 357 -31.75 -23.25 4.25
C ASP B 357 -31.08 -21.88 4.45
N VAL B 358 -31.27 -20.95 3.51
CA VAL B 358 -30.71 -19.59 3.58
C VAL B 358 -31.47 -18.76 4.63
N LYS B 359 -32.82 -18.78 4.55
CA LYS B 359 -33.74 -18.09 5.45
C LYS B 359 -33.57 -18.48 6.93
N SER B 360 -33.27 -19.76 7.22
CA SER B 360 -33.08 -20.31 8.57
C SER B 360 -31.74 -19.93 9.18
N THR B 361 -30.64 -20.08 8.42
CA THR B 361 -29.28 -19.76 8.83
C THR B 361 -29.19 -18.26 9.19
N ARG B 362 -29.80 -17.39 8.34
CA ARG B 362 -29.89 -15.94 8.52
C ARG B 362 -30.60 -15.57 9.82
N LEU B 363 -31.78 -16.18 10.08
CA LEU B 363 -32.60 -15.92 11.28
C LEU B 363 -31.95 -16.41 12.58
N THR B 364 -31.03 -17.40 12.49
CA THR B 364 -30.26 -17.90 13.65
C THR B 364 -29.31 -16.77 14.05
N TRP B 365 -28.70 -16.11 13.04
CA TRP B 365 -27.79 -14.98 13.21
C TRP B 365 -28.54 -13.72 13.63
N LEU B 366 -29.76 -13.49 13.07
CA LEU B 366 -30.57 -12.30 13.36
C LEU B 366 -31.21 -12.32 14.76
N LYS B 367 -31.83 -13.46 15.16
CA LYS B 367 -32.42 -13.62 16.49
C LYS B 367 -31.33 -13.54 17.54
N ASN B 368 -30.11 -14.04 17.20
CA ASN B 368 -28.89 -13.98 18.01
C ASN B 368 -28.41 -12.54 18.11
N ALA B 369 -28.48 -11.77 16.98
CA ALA B 369 -28.07 -10.36 16.94
C ALA B 369 -28.95 -9.50 17.84
N VAL B 370 -30.27 -9.83 17.93
CA VAL B 370 -31.23 -9.15 18.82
C VAL B 370 -30.78 -9.37 20.26
N ASP B 371 -30.52 -10.64 20.64
CA ASP B 371 -30.07 -11.01 21.98
C ASP B 371 -28.62 -10.58 22.29
N GLN B 372 -27.82 -10.24 21.26
CA GLN B 372 -26.43 -9.83 21.46
C GLN B 372 -26.13 -8.38 21.01
N GLN B 373 -27.18 -7.56 20.75
CA GLN B 373 -27.03 -6.17 20.27
C GLN B 373 -26.20 -5.27 21.19
N ALA B 374 -26.11 -5.60 22.48
CA ALA B 374 -25.32 -4.85 23.47
C ALA B 374 -23.81 -5.02 23.28
N GLU B 375 -23.39 -6.09 22.57
CA GLU B 375 -21.98 -6.43 22.32
C GLU B 375 -21.55 -6.25 20.85
N ARG B 376 -22.23 -5.35 20.10
CA ARG B 376 -21.88 -5.05 18.71
C ARG B 376 -20.56 -4.26 18.68
N ASP B 377 -19.76 -4.42 17.61
CA ASP B 377 -18.52 -3.65 17.48
C ASP B 377 -18.90 -2.18 17.27
N LEU B 378 -18.33 -1.27 18.10
CA LEU B 378 -18.57 0.17 18.08
C LEU B 378 -18.37 0.81 16.71
N ARG B 379 -17.19 0.57 16.10
CA ARG B 379 -16.80 1.10 14.79
C ARG B 379 -17.77 0.72 13.66
N MET B 380 -18.11 -0.58 13.53
CA MET B 380 -19.06 -1.05 12.51
C MET B 380 -20.45 -0.42 12.73
N LEU B 381 -20.90 -0.34 14.00
CA LEU B 381 -22.17 0.27 14.38
C LEU B 381 -22.19 1.76 13.99
N THR B 382 -21.09 2.49 14.29
CA THR B 382 -20.91 3.91 13.92
C THR B 382 -20.92 4.05 12.38
N SER B 383 -20.25 3.11 11.66
CA SER B 383 -20.20 3.08 10.18
C SER B 383 -21.59 2.84 9.58
N ARG B 384 -22.37 1.90 10.15
CA ARG B 384 -23.75 1.59 9.72
C ARG B 384 -24.63 2.83 9.86
N LEU B 385 -24.51 3.56 10.98
CA LEU B 385 -25.27 4.78 11.23
C LEU B 385 -24.88 5.91 10.24
N ALA B 386 -23.56 6.05 9.96
CA ALA B 386 -23.04 7.05 9.01
C ALA B 386 -23.63 6.79 7.63
N SER B 387 -23.71 5.50 7.23
CA SER B 387 -24.25 5.05 5.96
C SER B 387 -25.77 5.35 5.83
N SER B 388 -26.57 5.14 6.90
CA SER B 388 -28.01 5.46 6.90
C SER B 388 -28.21 6.98 6.75
N SER B 389 -27.34 7.77 7.39
CA SER B 389 -27.38 9.22 7.29
C SER B 389 -27.07 9.67 5.85
N LEU B 390 -25.98 9.13 5.27
CA LEU B 390 -25.54 9.44 3.90
C LEU B 390 -26.63 9.17 2.87
N ASN B 391 -27.26 7.98 2.93
CA ASN B 391 -28.29 7.55 1.98
C ASN B 391 -29.71 7.95 2.34
N ASN B 392 -29.92 8.60 3.51
CA ASN B 392 -31.24 9.03 4.00
C ASN B 392 -32.23 7.85 4.10
N THR B 393 -31.75 6.74 4.66
CA THR B 393 -32.56 5.54 4.87
C THR B 393 -32.72 5.32 6.36
N PRO B 394 -33.86 4.77 6.83
CA PRO B 394 -34.00 4.53 8.29
C PRO B 394 -32.97 3.54 8.82
N PHE B 395 -32.35 3.88 9.93
CA PHE B 395 -31.39 3.01 10.60
C PHE B 395 -32.25 2.07 11.45
N LEU B 396 -32.37 0.81 11.02
CA LEU B 396 -33.24 -0.15 11.71
C LEU B 396 -32.54 -0.80 12.87
N SER B 397 -33.29 -1.07 13.94
CA SER B 397 -32.77 -1.75 15.13
C SER B 397 -32.63 -3.24 14.81
N PRO B 398 -31.79 -4.01 15.55
CA PRO B 398 -31.73 -5.47 15.32
C PRO B 398 -33.12 -6.10 15.47
N GLU B 399 -33.92 -5.66 16.48
CA GLU B 399 -35.28 -6.15 16.75
C GLU B 399 -36.22 -5.92 15.57
N GLU B 400 -36.25 -4.70 15.00
CA GLU B 400 -37.08 -4.39 13.83
C GLU B 400 -36.59 -5.15 12.57
N THR B 401 -35.24 -5.39 12.45
CA THR B 401 -34.64 -6.12 11.33
C THR B 401 -35.23 -7.54 11.35
N TYR B 402 -35.23 -8.20 12.54
CA TYR B 402 -35.81 -9.52 12.74
C TYR B 402 -37.32 -9.59 12.49
N GLN B 403 -38.10 -8.63 13.04
CA GLN B 403 -39.58 -8.59 12.88
C GLN B 403 -39.94 -8.47 11.40
N LEU B 404 -39.24 -7.59 10.68
CA LEU B 404 -39.42 -7.39 9.25
C LEU B 404 -38.98 -8.64 8.47
N SER B 405 -37.85 -9.27 8.87
CA SER B 405 -37.31 -10.49 8.27
C SER B 405 -38.20 -11.72 8.50
N LYS B 406 -39.30 -11.57 9.26
CA LYS B 406 -40.26 -12.62 9.56
C LYS B 406 -41.52 -12.41 8.73
N ARG B 407 -42.23 -11.29 8.95
CA ARG B 407 -43.47 -10.90 8.27
C ARG B 407 -43.32 -10.72 6.75
N LEU B 408 -42.20 -10.08 6.32
CA LEU B 408 -41.94 -9.78 4.92
C LEU B 408 -41.24 -10.90 4.14
N TRP B 409 -40.22 -11.57 4.73
CA TRP B 409 -39.49 -12.68 4.07
C TRP B 409 -40.39 -13.83 3.64
N GLN B 410 -41.57 -13.92 4.24
CA GLN B 410 -42.56 -14.93 3.91
C GLN B 410 -43.19 -14.67 2.52
N GLN B 411 -42.94 -13.46 1.96
CA GLN B 411 -43.36 -13.07 0.61
C GLN B 411 -42.29 -13.40 -0.45
N ILE B 412 -41.08 -13.80 0.00
CA ILE B 412 -39.99 -14.21 -0.89
C ILE B 412 -40.17 -15.70 -1.11
N THR B 413 -40.44 -16.09 -2.36
CA THR B 413 -40.69 -17.48 -2.76
C THR B 413 -39.69 -17.89 -3.85
N VAL B 414 -39.77 -19.17 -4.28
CA VAL B 414 -38.99 -19.78 -5.36
C VAL B 414 -39.34 -19.03 -6.66
N GLN B 415 -40.65 -18.73 -6.85
CA GLN B 415 -41.30 -18.05 -7.96
C GLN B 415 -40.82 -16.59 -8.07
N SER B 416 -40.79 -15.85 -6.94
CA SER B 416 -40.32 -14.46 -6.93
C SER B 416 -38.81 -14.38 -7.21
N LEU B 417 -38.02 -15.33 -6.68
CA LEU B 417 -36.57 -15.33 -6.93
C LEU B 417 -36.25 -15.69 -8.37
N ALA B 418 -37.09 -16.56 -8.98
CA ALA B 418 -36.97 -16.96 -10.40
C ALA B 418 -37.21 -15.73 -11.29
N GLU B 419 -38.20 -14.89 -10.92
CA GLU B 419 -38.60 -13.65 -11.58
C GLU B 419 -37.43 -12.66 -11.56
N LYS B 420 -36.81 -12.41 -10.38
CA LYS B 420 -35.67 -11.51 -10.21
C LYS B 420 -34.44 -11.99 -10.98
N TRP B 421 -34.18 -13.32 -11.02
CA TRP B 421 -33.06 -13.92 -11.73
C TRP B 421 -33.25 -13.72 -13.25
N GLN B 422 -34.47 -13.97 -13.75
CA GLN B 422 -34.87 -13.82 -15.15
C GLN B 422 -34.64 -12.38 -15.61
N GLN B 423 -35.06 -11.40 -14.78
CA GLN B 423 -34.87 -9.97 -15.06
C GLN B 423 -33.38 -9.64 -15.12
N LEU B 424 -32.60 -10.11 -14.17
CA LEU B 424 -31.14 -9.83 -14.11
C LEU B 424 -30.45 -10.40 -15.36
N ARG B 425 -30.83 -11.61 -15.77
CA ARG B 425 -30.22 -12.30 -16.92
C ARG B 425 -30.46 -11.55 -18.25
N LYS B 426 -31.58 -10.88 -18.43
CA LYS B 426 -31.81 -10.16 -19.71
C LYS B 426 -31.24 -8.73 -19.65
N ASN B 427 -30.60 -8.36 -18.54
CA ASN B 427 -29.95 -7.03 -18.38
C ASN B 427 -28.76 -6.94 -19.36
N GLN B 428 -28.81 -6.01 -20.26
CA GLN B 428 -27.83 -5.79 -21.33
C GLN B 428 -26.56 -5.09 -20.84
N ASP B 429 -26.60 -4.46 -19.65
CA ASP B 429 -25.46 -3.76 -19.07
C ASP B 429 -24.64 -4.74 -18.27
N ALA B 430 -23.76 -5.38 -19.01
CA ALA B 430 -22.96 -6.47 -18.48
C ALA B 430 -21.55 -6.59 -19.05
N PHE B 431 -20.63 -7.20 -18.31
CA PHE B 431 -19.31 -7.43 -18.87
C PHE B 431 -18.70 -8.70 -18.34
N TRP B 432 -18.03 -9.40 -19.24
CA TRP B 432 -17.24 -10.61 -18.92
C TRP B 432 -15.83 -10.19 -18.56
N GLU B 433 -15.28 -10.77 -17.54
CA GLU B 433 -13.92 -10.41 -17.15
C GLU B 433 -13.10 -11.61 -16.73
N GLN B 434 -11.90 -11.72 -17.29
CA GLN B 434 -10.96 -12.77 -16.91
C GLN B 434 -9.72 -12.15 -16.31
N MET B 435 -9.16 -12.83 -15.31
CA MET B 435 -7.94 -12.41 -14.62
C MET B 435 -6.90 -13.48 -14.80
N VAL B 436 -5.75 -13.10 -15.39
CA VAL B 436 -4.60 -13.93 -15.71
C VAL B 436 -3.32 -13.33 -15.08
N ASN B 437 -2.45 -14.18 -14.52
CA ASN B 437 -1.22 -13.73 -13.85
C ASN B 437 0.10 -14.25 -14.46
N ASN B 438 0.01 -14.92 -15.62
CA ASN B 438 1.16 -15.47 -16.37
C ASN B 438 0.75 -15.70 -17.83
N GLU B 439 1.74 -15.93 -18.71
CA GLU B 439 1.44 -16.08 -20.13
C GLU B 439 0.76 -17.40 -20.49
N VAL B 440 0.94 -18.50 -19.71
CA VAL B 440 0.23 -19.75 -20.03
C VAL B 440 -1.29 -19.59 -19.66
N ALA B 441 -1.59 -18.86 -18.58
CA ALA B 441 -2.98 -18.53 -18.18
C ALA B 441 -3.59 -17.58 -19.23
N ALA B 442 -2.80 -16.59 -19.70
CA ALA B 442 -3.20 -15.60 -20.70
C ALA B 442 -3.56 -16.22 -22.05
N LYS B 443 -2.79 -17.24 -22.50
CA LYS B 443 -3.06 -17.95 -23.76
C LYS B 443 -4.32 -18.81 -23.62
N LYS B 444 -4.53 -19.37 -22.40
CA LYS B 444 -5.70 -20.21 -22.06
C LYS B 444 -7.01 -19.41 -21.84
N ALA B 445 -6.90 -18.08 -21.55
CA ALA B 445 -8.06 -17.20 -21.33
C ALA B 445 -8.98 -17.23 -22.56
N LEU B 446 -10.30 -17.26 -22.34
CA LEU B 446 -11.24 -17.37 -23.44
C LEU B 446 -11.45 -16.08 -24.18
N SER B 447 -11.48 -16.14 -25.51
CA SER B 447 -11.74 -14.97 -26.34
C SER B 447 -13.27 -14.71 -26.33
N PRO B 448 -13.76 -13.48 -26.59
CA PRO B 448 -15.21 -13.22 -26.50
C PRO B 448 -16.13 -14.19 -27.27
N ALA B 449 -15.79 -14.59 -28.51
CA ALA B 449 -16.62 -15.52 -29.28
C ALA B 449 -16.73 -16.89 -28.58
N ALA B 450 -15.61 -17.37 -27.98
CA ALA B 450 -15.48 -18.62 -27.23
C ALA B 450 -16.34 -18.59 -25.97
N ILE B 451 -16.41 -17.43 -25.28
CA ILE B 451 -17.24 -17.26 -24.09
C ILE B 451 -18.72 -17.43 -24.51
N LEU B 452 -19.13 -16.74 -25.55
CA LEU B 452 -20.56 -16.80 -25.97
C LEU B 452 -20.91 -18.17 -26.61
N ALA B 453 -20.00 -18.87 -27.21
CA ALA B 453 -20.29 -20.19 -27.80
C ALA B 453 -20.48 -21.19 -26.64
N LEU B 454 -19.65 -21.08 -25.62
CA LEU B 454 -19.77 -21.95 -24.41
C LEU B 454 -21.14 -21.68 -23.76
N GLU B 455 -21.53 -20.42 -23.68
CA GLU B 455 -22.84 -20.03 -23.08
C GLU B 455 -23.97 -20.62 -23.94
N LYS B 456 -23.86 -20.55 -25.26
CA LYS B 456 -24.91 -21.10 -26.16
C LYS B 456 -24.99 -22.62 -25.92
N GLU B 457 -23.85 -23.24 -25.77
CA GLU B 457 -23.69 -24.67 -25.50
C GLU B 457 -24.47 -25.08 -24.24
N TYR B 458 -24.30 -24.33 -23.12
CA TYR B 458 -25.02 -24.63 -21.87
C TYR B 458 -26.49 -24.27 -21.92
N ALA B 459 -26.84 -23.23 -22.71
CA ALA B 459 -28.24 -22.80 -22.88
C ALA B 459 -29.08 -23.87 -23.56
N ASN B 460 -28.46 -24.62 -24.47
CA ASN B 460 -29.07 -25.68 -25.26
C ASN B 460 -28.95 -27.07 -24.61
N LYS B 461 -28.17 -27.20 -23.51
CA LYS B 461 -28.07 -28.44 -22.73
C LYS B 461 -29.33 -28.52 -21.85
N LYS B 462 -29.89 -29.72 -21.68
CA LYS B 462 -31.07 -29.94 -20.85
C LYS B 462 -30.51 -30.42 -19.50
N LEU B 463 -30.06 -29.46 -18.69
CA LEU B 463 -29.39 -29.67 -17.42
C LEU B 463 -30.26 -30.19 -16.33
N ALA B 464 -29.69 -31.01 -15.44
CA ALA B 464 -30.41 -31.59 -14.32
C ALA B 464 -30.53 -30.57 -13.20
N ALA B 465 -31.64 -30.65 -12.46
CA ALA B 465 -31.91 -29.78 -11.32
C ALA B 465 -30.98 -30.21 -10.17
N TYR B 466 -30.43 -29.23 -9.43
CA TYR B 466 -29.56 -29.55 -8.30
C TYR B 466 -30.39 -29.94 -7.08
N VAL B 467 -29.86 -30.87 -6.26
CA VAL B 467 -30.54 -31.35 -5.06
C VAL B 467 -29.76 -31.01 -3.76
N PHE B 468 -30.39 -30.15 -2.89
CA PHE B 468 -29.96 -29.70 -1.55
C PHE B 468 -30.67 -28.43 -1.11
#